data_4LWY
#
_entry.id   4LWY
#
_cell.length_a   140.040
_cell.length_b   140.040
_cell.length_c   184.620
_cell.angle_alpha   90.00
_cell.angle_beta   90.00
_cell.angle_gamma   120.00
#
_symmetry.space_group_name_H-M   'P 31 2 1'
#
loop_
_entity.id
_entity.type
_entity.pdbx_description
1 polymer 'Reaction center protein H chain'
2 polymer 'Reaction center protein L chain'
3 polymer 'Reaction center protein M chain'
4 non-polymer 'LAURYL DIMETHYLAMINE-N-OXIDE'
5 non-polymer 'UNKNOWN LIGAND'
6 non-polymer 'PHOSPHATE ION'
7 non-polymer '1,4-DIETHYLENE DIOXIDE'
8 non-polymer 1,2-ETHANEDIOL
9 non-polymer 2-AMINO-2-HYDROXYMETHYL-PROPANE-1,3-DIOL
10 non-polymer 'POTASSIUM ION'
11 non-polymer 'BACTERIOCHLOROPHYLL A'
12 non-polymer 'BACTERIOPHEOPHYTIN A'
13 non-polymer UBIQUINONE-10
14 non-polymer CARDIOLIPIN
15 non-polymer 'FE (III) ION'
16 non-polymer SPEROIDENONE
17 water water
#
loop_
_entity_poly.entity_id
_entity_poly.type
_entity_poly.pdbx_seq_one_letter_code
_entity_poly.pdbx_strand_id
1 'polypeptide(L)'
;MVGVTAFGNFDLASLAIYSFWIFLAGLIYYLQTENMREGYPLENEDGTPAANQGPFPLPKPKTFILPHGRGTLTVPGPES
EDRPIALARTAVSEGFPHAPTGDPMKDGVGPASWVARRDLPELDGHGHNKIKPMKAAAGFHVSAGKNPIGLPVRGCDLEI
AGKVVDIWVDIPEQMARFLEVELKDGSTRLLPMQMVKVQSNRVHVNALSSDLFAGIPTIKSPTEVTLLEEDKICGYVAGG
LMYAAPKRKSVVAAMLAEYA
;
H
2 'polypeptide(L)'
;MALLSFERKYRVPGGTLVGGNLFDFWVGPFYVGFFGVATFFFAALGIILIAWSAVLQGTWNPQLISVYPPALEYGLGGAP
LAKGGLWQIITICATGAFVSWALREVEICRKLGIGYHIPFAFAFAILAYLTLVLFRPVMMGAWGYAFPYGIWTHLDWVSN
TGYTYGNFHYNPAHMIAITFFFTNALALALHGALVLSAANPEKGKEMRTPDHEDTFFRDLVGYSIGTLGIHRLGLLLSLS
AVFFSALCMIITGTIWFDQWVDWWQWWVKLPWWANIPGGING
;
L
3 'polypeptide(L)'
;MAEYQNIFTQVQVRGPADLGMTEDVNLANRSGVGPFSTLLGWFGNAQLGPIYLGSLGVLSLFSGLMWFFTIGIWFWYQAG
WNPAVFLRDLFFFSLEPPAPEYGLSFAAPLKEGGLWLIASFFMFVAVWSWWGRTYLRAQALGMGKHTAWAFLSAIWLWMV
LGFIRPILMGSWSEAVPYGIFSHLDWTNNFSLVHGNHFYNPFLGLSIAFLYGSALLFAMHGATILAVSRFGGERELEQIA
DRGTAAERAALFWRWTMGFNATMEGIHRWAIWMAVLVTLTGGIGILLSGTVVDNWYVWGQNHG
;
M
#
loop_
_chem_comp.id
_chem_comp.type
_chem_comp.name
_chem_comp.formula
BCL non-polymer 'BACTERIOCHLOROPHYLL A' 'C55 H74 Mg N4 O6'
BPH non-polymer 'BACTERIOPHEOPHYTIN A' 'C55 H76 N4 O6'
CDL non-polymer CARDIOLIPIN 'C81 H156 O17 P2 -2'
DIO non-polymer '1,4-DIETHYLENE DIOXIDE' 'C4 H8 O2'
EDO non-polymer 1,2-ETHANEDIOL 'C2 H6 O2'
FE non-polymer 'FE (III) ION' 'Fe 3'
K non-polymer 'POTASSIUM ION' 'K 1'
LDA non-polymer 'LAURYL DIMETHYLAMINE-N-OXIDE' 'C14 H31 N O'
PO4 non-polymer 'PHOSPHATE ION' 'O4 P -3'
SPN non-polymer SPEROIDENONE 'C41 H70 O2'
TRS non-polymer 2-AMINO-2-HYDROXYMETHYL-PROPANE-1,3-DIOL 'C4 H12 N O3 1'
U10 non-polymer UBIQUINONE-10 'C59 H90 O4'
UNL non-polymer 'UNKNOWN LIGAND' ?
#
# COMPACT_ATOMS: atom_id res chain seq x y z
N ASP A 11 10.34 -12.62 -34.00
CA ASP A 11 11.05 -11.66 -33.15
C ASP A 11 11.07 -12.03 -31.68
N LEU A 12 12.27 -12.04 -31.09
CA LEU A 12 12.45 -12.45 -29.69
C LEU A 12 11.62 -11.64 -28.71
N ALA A 13 11.76 -10.33 -28.74
CA ALA A 13 10.98 -9.45 -27.86
C ALA A 13 9.47 -9.63 -28.07
N SER A 14 9.06 -9.71 -29.32
CA SER A 14 7.64 -9.87 -29.66
C SER A 14 7.12 -11.18 -29.08
N LEU A 15 8.03 -12.15 -28.97
CA LEU A 15 7.70 -13.45 -28.38
C LEU A 15 7.55 -13.29 -26.89
N ALA A 16 8.56 -12.67 -26.28
CA ALA A 16 8.59 -12.41 -24.85
C ALA A 16 7.30 -11.75 -24.43
N ILE A 17 6.94 -10.67 -25.11
CA ILE A 17 5.80 -9.86 -24.69
C ILE A 17 4.46 -10.58 -24.88
N TYR A 18 4.38 -11.43 -25.90
CA TYR A 18 3.21 -12.25 -26.12
C TYR A 18 3.15 -13.23 -24.96
N SER A 19 4.29 -13.85 -24.67
CA SER A 19 4.41 -14.83 -23.60
C SER A 19 3.97 -14.24 -22.28
N PHE A 20 4.22 -12.95 -22.10
CA PHE A 20 3.86 -12.29 -20.86
C PHE A 20 2.37 -12.07 -20.71
N TRP A 21 1.72 -11.64 -21.78
CA TRP A 21 0.30 -11.39 -21.69
C TRP A 21 -0.49 -12.65 -21.39
N ILE A 22 0.08 -13.80 -21.77
CA ILE A 22 -0.54 -15.07 -21.49
C ILE A 22 -0.28 -15.49 -20.04
N PHE A 23 0.95 -15.28 -19.59
CA PHE A 23 1.27 -15.49 -18.18
C PHE A 23 0.38 -14.64 -17.26
N LEU A 24 0.20 -13.37 -17.62
CA LEU A 24 -0.56 -12.44 -16.79
C LEU A 24 -2.05 -12.78 -16.72
N ALA A 25 -2.58 -13.45 -17.74
CA ALA A 25 -3.98 -13.86 -17.71
C ALA A 25 -4.14 -14.97 -16.68
N GLY A 26 -3.26 -15.97 -16.77
CA GLY A 26 -3.26 -17.06 -15.82
C GLY A 26 -2.94 -16.61 -14.41
N LEU A 27 -2.14 -15.56 -14.30
CA LEU A 27 -1.82 -15.01 -13.00
C LEU A 27 -3.08 -14.43 -12.39
N ILE A 28 -3.83 -13.65 -13.17
CA ILE A 28 -5.08 -13.06 -12.68
C ILE A 28 -6.14 -14.14 -12.37
N TYR A 29 -6.09 -15.23 -13.12
CA TYR A 29 -6.97 -16.35 -12.83
C TYR A 29 -6.65 -16.91 -11.45
N TYR A 30 -5.41 -17.34 -11.28
CA TYR A 30 -4.90 -17.85 -10.01
C TYR A 30 -5.20 -16.90 -8.85
N LEU A 31 -4.93 -15.62 -9.05
CA LEU A 31 -5.21 -14.62 -8.03
C LEU A 31 -6.69 -14.53 -7.72
N GLN A 32 -7.53 -14.67 -8.73
CA GLN A 32 -8.94 -14.53 -8.48
C GLN A 32 -9.51 -15.77 -7.82
N THR A 33 -9.15 -16.95 -8.31
CA THR A 33 -9.61 -18.19 -7.70
C THR A 33 -9.20 -18.29 -6.22
N GLU A 34 -7.95 -17.94 -5.93
CA GLU A 34 -7.43 -17.85 -4.56
C GLU A 34 -8.23 -16.91 -3.68
N ASN A 35 -8.78 -15.86 -4.26
CA ASN A 35 -9.53 -14.89 -3.46
C ASN A 35 -10.98 -15.26 -3.33
N MET A 36 -11.31 -16.44 -3.85
CA MET A 36 -12.64 -17.00 -3.70
C MET A 36 -12.81 -18.03 -2.56
N ARG A 37 -11.73 -18.22 -1.79
CA ARG A 37 -11.69 -19.16 -0.67
C ARG A 37 -12.60 -18.83 0.52
N GLU A 38 -13.29 -17.70 0.47
CA GLU A 38 -14.36 -17.42 1.44
C GLU A 38 -15.52 -16.73 0.75
N GLY A 39 -16.68 -16.76 1.39
CA GLY A 39 -17.86 -16.10 0.84
C GLY A 39 -18.48 -16.80 -0.35
N TYR A 40 -17.74 -17.76 -0.91
CA TYR A 40 -18.17 -18.48 -2.10
C TYR A 40 -18.39 -19.95 -1.75
N PRO A 41 -19.36 -20.59 -2.42
CA PRO A 41 -20.22 -20.13 -3.52
C PRO A 41 -21.21 -19.08 -3.08
N LEU A 42 -21.57 -18.20 -4.03
CA LEU A 42 -22.45 -17.07 -3.79
C LEU A 42 -23.81 -17.58 -3.40
N GLU A 43 -24.55 -16.77 -2.65
CA GLU A 43 -25.89 -17.15 -2.22
C GLU A 43 -26.92 -16.18 -2.76
N ASN A 44 -28.17 -16.62 -2.84
CA ASN A 44 -29.27 -15.71 -3.09
C ASN A 44 -29.60 -15.11 -1.76
N GLU A 45 -30.53 -14.16 -1.72
CA GLU A 45 -30.82 -13.49 -0.47
C GLU A 45 -31.45 -14.44 0.53
N ASP A 46 -31.98 -15.57 0.05
CA ASP A 46 -32.60 -16.58 0.90
C ASP A 46 -31.63 -17.67 1.32
N GLY A 47 -30.37 -17.51 0.93
CA GLY A 47 -29.31 -18.39 1.38
C GLY A 47 -29.08 -19.59 0.49
N THR A 48 -29.88 -19.72 -0.54
CA THR A 48 -29.69 -20.81 -1.46
C THR A 48 -28.57 -20.39 -2.40
N PRO A 49 -27.74 -21.35 -2.82
CA PRO A 49 -26.67 -21.10 -3.80
C PRO A 49 -27.22 -20.41 -5.03
N ALA A 50 -26.62 -19.30 -5.42
CA ALA A 50 -27.14 -18.53 -6.55
C ALA A 50 -26.80 -19.28 -7.80
N ALA A 51 -27.54 -18.99 -8.88
CA ALA A 51 -27.31 -19.66 -10.15
C ALA A 51 -26.02 -19.22 -10.82
N ASN A 52 -25.83 -17.89 -10.93
CA ASN A 52 -24.69 -17.33 -11.65
C ASN A 52 -23.53 -17.06 -10.69
N GLN A 53 -22.48 -17.87 -10.81
CA GLN A 53 -21.32 -17.78 -9.91
C GLN A 53 -20.15 -16.95 -10.46
N GLY A 54 -20.23 -16.57 -11.72
CA GLY A 54 -19.13 -15.88 -12.36
C GLY A 54 -18.24 -16.89 -13.06
N PRO A 55 -17.33 -16.40 -13.91
CA PRO A 55 -16.47 -17.22 -14.79
C PRO A 55 -15.45 -18.04 -14.01
N PHE A 56 -15.22 -17.67 -12.76
CA PHE A 56 -14.15 -18.27 -11.97
C PHE A 56 -14.65 -19.39 -11.08
N PRO A 57 -14.02 -20.58 -11.20
CA PRO A 57 -14.32 -21.76 -10.40
C PRO A 57 -13.73 -21.67 -9.01
N LEU A 58 -14.27 -22.43 -8.06
CA LEU A 58 -13.67 -22.51 -6.74
C LEU A 58 -12.32 -23.24 -6.84
N PRO A 59 -11.36 -22.85 -6.00
CA PRO A 59 -10.02 -23.44 -6.10
C PRO A 59 -10.01 -24.79 -5.40
N LYS A 60 -9.04 -25.64 -5.73
CA LYS A 60 -8.85 -26.86 -4.95
C LYS A 60 -8.52 -26.40 -3.53
N PRO A 61 -9.23 -26.91 -2.52
CA PRO A 61 -9.06 -26.43 -1.15
C PRO A 61 -7.68 -26.65 -0.54
N LYS A 62 -7.38 -25.89 0.50
CA LYS A 62 -6.12 -25.99 1.21
C LYS A 62 -6.46 -26.10 2.69
N THR A 63 -5.52 -26.58 3.49
CA THR A 63 -5.78 -26.69 4.92
C THR A 63 -4.64 -26.11 5.72
N PHE A 64 -4.98 -25.24 6.67
CA PHE A 64 -3.99 -24.57 7.46
C PHE A 64 -3.80 -25.35 8.72
N ILE A 65 -2.58 -25.41 9.24
CA ILE A 65 -2.35 -25.99 10.56
C ILE A 65 -2.22 -24.87 11.60
N LEU A 66 -3.27 -24.71 12.41
CA LEU A 66 -3.35 -23.65 13.40
C LEU A 66 -2.39 -23.98 14.52
N PRO A 67 -1.76 -22.96 15.11
CA PRO A 67 -0.76 -23.26 16.13
C PRO A 67 -1.38 -23.63 17.48
N HIS A 68 -0.64 -24.39 18.27
CA HIS A 68 -1.02 -24.69 19.64
C HIS A 68 -2.34 -25.45 19.74
N GLY A 69 -2.45 -26.53 18.96
CA GLY A 69 -3.56 -27.46 19.08
C GLY A 69 -4.93 -26.86 18.84
N ARG A 70 -5.00 -25.81 18.03
CA ARG A 70 -6.26 -25.08 17.84
C ARG A 70 -7.10 -25.75 16.75
N GLY A 71 -6.61 -26.86 16.21
CA GLY A 71 -7.30 -27.58 15.16
C GLY A 71 -6.79 -27.17 13.80
N THR A 72 -7.61 -27.32 12.77
CA THR A 72 -7.26 -26.75 11.47
C THR A 72 -8.36 -25.90 10.86
N LEU A 73 -8.02 -25.34 9.70
CA LEU A 73 -8.95 -24.62 8.85
C LEU A 73 -8.72 -25.07 7.44
N THR A 74 -9.82 -25.42 6.77
CA THR A 74 -9.78 -25.88 5.39
C THR A 74 -10.64 -24.90 4.60
N VAL A 75 -10.05 -24.36 3.55
CA VAL A 75 -10.74 -23.37 2.72
C VAL A 75 -10.48 -23.68 1.25
N PRO A 76 -11.48 -23.49 0.39
CA PRO A 76 -12.85 -23.09 0.74
C PRO A 76 -13.58 -24.19 1.54
N GLY A 77 -14.67 -23.83 2.19
CA GLY A 77 -15.34 -24.81 3.03
C GLY A 77 -16.82 -24.51 3.11
N PRO A 78 -17.57 -25.33 3.86
CA PRO A 78 -19.00 -25.08 4.03
C PRO A 78 -19.20 -23.72 4.66
N GLU A 79 -20.04 -22.91 4.02
CA GLU A 79 -20.24 -21.53 4.45
C GLU A 79 -21.55 -21.43 5.22
N SER A 80 -21.43 -21.23 6.53
CA SER A 80 -22.60 -20.99 7.35
C SER A 80 -22.28 -19.82 8.27
N GLU A 81 -23.29 -19.00 8.57
CA GLU A 81 -23.12 -17.84 9.45
C GLU A 81 -23.04 -18.22 10.93
N ASP A 82 -23.58 -19.39 11.28
CA ASP A 82 -23.58 -19.91 12.66
C ASP A 82 -24.23 -18.96 13.67
N ARG A 83 -25.07 -18.05 13.17
CA ARG A 83 -25.84 -17.13 14.00
C ARG A 83 -27.15 -16.76 13.32
N PRO A 84 -28.16 -16.37 14.10
CA PRO A 84 -29.44 -15.83 13.60
C PRO A 84 -29.37 -14.39 13.09
N ILE A 85 -30.00 -14.11 11.95
CA ILE A 85 -29.96 -12.77 11.37
C ILE A 85 -31.29 -12.04 11.55
N ALA A 86 -31.23 -10.88 12.19
CA ALA A 86 -32.41 -10.10 12.59
C ALA A 86 -32.97 -9.19 11.51
N LEU A 87 -32.63 -9.47 10.25
CA LEU A 87 -33.14 -8.74 9.09
C LEU A 87 -34.36 -9.38 8.43
N ALA A 88 -35.24 -8.54 7.87
CA ALA A 88 -36.30 -9.00 6.97
C ALA A 88 -36.29 -8.16 5.68
N ARG A 89 -36.61 -8.78 4.56
CA ARG A 89 -36.69 -8.08 3.26
C ARG A 89 -37.58 -6.82 3.31
N THR A 90 -37.13 -5.76 2.63
CA THR A 90 -37.92 -4.54 2.50
C THR A 90 -38.62 -4.44 1.15
N ALA A 91 -38.41 -5.41 0.28
CA ALA A 91 -38.95 -5.30 -1.06
C ALA A 91 -39.30 -6.67 -1.63
N VAL A 92 -39.84 -6.66 -2.85
CA VAL A 92 -40.36 -7.86 -3.48
C VAL A 92 -39.35 -8.50 -4.43
N SER A 93 -38.21 -7.83 -4.62
CA SER A 93 -37.21 -8.26 -5.57
C SER A 93 -35.79 -8.26 -4.98
N GLU A 94 -34.81 -8.65 -5.79
CA GLU A 94 -33.42 -8.67 -5.33
C GLU A 94 -32.79 -7.29 -5.33
N GLY A 95 -31.81 -7.09 -4.46
CA GLY A 95 -30.99 -5.90 -4.50
C GLY A 95 -31.46 -4.76 -3.62
N PHE A 96 -32.25 -5.09 -2.60
CA PHE A 96 -32.81 -4.06 -1.74
C PHE A 96 -32.29 -4.17 -0.32
N PRO A 97 -32.40 -3.08 0.46
CA PRO A 97 -31.94 -3.13 1.85
C PRO A 97 -32.77 -4.12 2.64
N HIS A 98 -32.22 -4.64 3.73
CA HIS A 98 -32.95 -5.56 4.58
C HIS A 98 -33.09 -4.91 5.95
N ALA A 99 -34.34 -4.60 6.31
CA ALA A 99 -34.60 -3.91 7.57
C ALA A 99 -34.45 -4.85 8.75
N PRO A 100 -33.78 -4.37 9.81
CA PRO A 100 -33.70 -5.10 11.08
C PRO A 100 -35.09 -5.25 11.67
N THR A 101 -35.35 -6.40 12.28
CA THR A 101 -36.62 -6.70 12.90
C THR A 101 -36.68 -6.10 14.30
N GLY A 102 -35.57 -6.26 15.02
CA GLY A 102 -35.43 -5.78 16.38
C GLY A 102 -34.51 -4.59 16.51
N ASP A 103 -33.85 -4.52 17.67
CA ASP A 103 -32.82 -3.52 17.95
C ASP A 103 -31.49 -4.02 17.36
N PRO A 104 -31.03 -3.37 16.28
CA PRO A 104 -29.96 -3.88 15.41
C PRO A 104 -28.61 -3.91 16.14
N MET A 105 -28.48 -3.02 17.11
CA MET A 105 -27.33 -3.00 18.01
C MET A 105 -27.30 -4.29 18.82
N LYS A 106 -28.41 -4.55 19.53
CA LYS A 106 -28.56 -5.75 20.36
C LYS A 106 -28.55 -7.00 19.51
N ASP A 107 -29.15 -6.90 18.33
CA ASP A 107 -29.23 -8.02 17.39
C ASP A 107 -27.91 -8.29 16.69
N GLY A 108 -27.09 -7.27 16.54
CA GLY A 108 -25.84 -7.41 15.82
C GLY A 108 -25.97 -7.44 14.30
N VAL A 109 -26.73 -6.50 13.75
CA VAL A 109 -26.81 -6.35 12.29
C VAL A 109 -26.33 -5.00 11.74
N GLY A 110 -25.98 -4.99 10.47
CA GLY A 110 -25.49 -3.78 9.84
C GLY A 110 -24.10 -3.42 10.33
N PRO A 111 -23.89 -2.14 10.60
CA PRO A 111 -22.65 -1.61 11.21
C PRO A 111 -22.35 -2.21 12.59
N ALA A 112 -23.36 -2.80 13.23
CA ALA A 112 -23.18 -3.54 14.48
C ALA A 112 -22.96 -5.05 14.27
N SER A 113 -22.78 -5.49 13.03
CA SER A 113 -22.60 -6.91 12.79
C SER A 113 -21.31 -7.50 13.38
N TRP A 114 -21.41 -8.77 13.79
CA TRP A 114 -20.29 -9.50 14.33
C TRP A 114 -20.27 -10.88 13.68
N VAL A 115 -19.09 -11.43 13.50
CA VAL A 115 -18.95 -12.79 12.96
C VAL A 115 -18.86 -13.67 14.16
N ALA A 116 -19.35 -14.91 14.09
CA ALA A 116 -19.12 -15.77 15.22
C ALA A 116 -17.80 -16.52 15.00
N ARG A 117 -16.80 -15.99 15.68
CA ARG A 117 -15.46 -16.53 15.59
C ARG A 117 -15.23 -17.30 16.87
N ARG A 118 -14.05 -17.92 17.00
CA ARG A 118 -13.72 -18.81 18.09
C ARG A 118 -13.99 -18.13 19.44
N ASP A 119 -14.41 -18.91 20.44
CA ASP A 119 -14.72 -18.36 21.76
C ASP A 119 -13.49 -18.36 22.65
N LEU A 120 -12.33 -18.59 22.05
CA LEU A 120 -11.07 -18.58 22.77
C LEU A 120 -10.30 -17.34 22.34
N PRO A 121 -9.44 -16.81 23.23
CA PRO A 121 -8.69 -15.58 22.97
C PRO A 121 -7.56 -15.86 22.01
N GLU A 122 -6.97 -14.82 21.41
CA GLU A 122 -5.89 -15.03 20.46
C GLU A 122 -4.60 -15.30 21.22
N LEU A 123 -3.82 -16.27 20.75
CA LEU A 123 -2.58 -16.61 21.44
C LEU A 123 -1.40 -15.93 20.80
N ASP A 124 -0.43 -15.53 21.60
CA ASP A 124 0.83 -15.06 21.02
C ASP A 124 1.66 -16.24 20.61
N GLY A 125 2.89 -15.95 20.17
CA GLY A 125 3.75 -16.96 19.60
C GLY A 125 4.07 -18.06 20.58
N HIS A 126 4.01 -17.71 21.87
CA HIS A 126 4.34 -18.65 22.93
C HIS A 126 3.14 -19.34 23.57
N GLY A 127 1.95 -19.06 23.06
CA GLY A 127 0.76 -19.74 23.55
C GLY A 127 0.05 -19.06 24.71
N HIS A 128 0.62 -17.95 25.19
CA HIS A 128 -0.03 -17.11 26.20
C HIS A 128 -1.03 -16.20 25.49
N ASN A 129 -2.06 -15.72 26.18
CA ASN A 129 -2.97 -14.75 25.56
C ASN A 129 -2.32 -13.48 24.96
N LYS A 130 -2.66 -13.16 23.72
CA LYS A 130 -2.17 -11.94 23.08
C LYS A 130 -2.56 -10.69 23.86
N ILE A 131 -3.76 -10.70 24.44
CA ILE A 131 -4.25 -9.51 25.11
C ILE A 131 -4.56 -9.71 26.59
N LYS A 132 -3.88 -8.93 27.43
CA LYS A 132 -4.09 -8.96 28.86
C LYS A 132 -4.36 -7.54 29.31
N PRO A 133 -5.08 -7.37 30.42
CA PRO A 133 -5.15 -6.01 30.98
C PRO A 133 -3.76 -5.65 31.51
N MET A 134 -3.44 -4.37 31.71
CA MET A 134 -2.05 -4.02 32.00
C MET A 134 -1.63 -4.37 33.43
N LYS A 135 -2.60 -4.43 34.34
CA LYS A 135 -2.35 -4.93 35.69
C LYS A 135 -1.72 -6.31 35.63
N ALA A 136 -2.19 -7.17 34.73
CA ALA A 136 -1.65 -8.52 34.64
C ALA A 136 -0.51 -8.59 33.67
N ALA A 137 -0.23 -7.49 32.99
CA ALA A 137 0.88 -7.47 32.05
C ALA A 137 2.14 -7.15 32.81
N ALA A 138 3.15 -7.99 32.66
CA ALA A 138 4.29 -7.88 33.55
C ALA A 138 5.32 -6.93 33.00
N GLY A 139 5.45 -5.77 33.62
CA GLY A 139 6.47 -4.80 33.24
C GLY A 139 6.02 -3.89 32.12
N PHE A 140 4.71 -3.87 31.90
CA PHE A 140 4.11 -3.05 30.88
C PHE A 140 3.57 -1.78 31.51
N HIS A 141 3.91 -0.64 30.91
CA HIS A 141 3.57 0.66 31.47
C HIS A 141 3.43 1.62 30.33
N VAL A 142 2.58 2.64 30.51
CA VAL A 142 2.48 3.67 29.48
C VAL A 142 3.82 4.39 29.25
N SER A 143 4.32 4.41 28.02
CA SER A 143 5.59 5.07 27.75
C SER A 143 5.52 6.46 27.12
N ALA A 144 4.32 6.91 26.81
CA ALA A 144 4.12 8.18 26.08
C ALA A 144 2.64 8.46 25.90
N GLY A 145 2.30 9.71 25.60
CA GLY A 145 0.91 10.11 25.49
C GLY A 145 0.27 10.21 26.86
N LYS A 146 -0.93 10.78 26.92
CA LYS A 146 -1.65 10.85 28.18
C LYS A 146 -2.15 9.47 28.60
N ASN A 147 -1.79 9.07 29.81
CA ASN A 147 -2.37 7.86 30.40
C ASN A 147 -3.86 8.06 30.71
N PRO A 148 -4.73 7.28 30.03
CA PRO A 148 -6.19 7.40 30.12
C PRO A 148 -6.75 6.88 31.42
N ILE A 149 -5.99 6.06 32.15
CA ILE A 149 -6.49 5.38 33.35
C ILE A 149 -6.95 6.38 34.39
N GLY A 150 -8.19 6.23 34.85
CA GLY A 150 -8.80 7.16 35.80
C GLY A 150 -9.50 8.32 35.14
N LEU A 151 -9.46 8.36 33.81
CA LEU A 151 -10.16 9.43 33.11
C LEU A 151 -11.61 9.07 33.01
N PRO A 152 -12.48 10.05 33.29
CA PRO A 152 -13.91 9.89 33.04
C PRO A 152 -14.14 9.66 31.56
N VAL A 153 -15.14 8.87 31.20
CA VAL A 153 -15.46 8.60 29.81
C VAL A 153 -16.78 9.26 29.47
N ARG A 154 -16.78 10.05 28.40
CA ARG A 154 -17.98 10.77 27.97
C ARG A 154 -18.52 10.10 26.71
N GLY A 155 -19.84 10.11 26.53
CA GLY A 155 -20.46 9.55 25.34
C GLY A 155 -20.86 10.64 24.35
N CYS A 156 -21.28 10.25 23.15
CA CYS A 156 -21.62 11.23 22.11
C CYS A 156 -22.70 12.23 22.56
N ASP A 157 -23.48 11.84 23.58
CA ASP A 157 -24.50 12.71 24.15
C ASP A 157 -23.90 13.58 25.25
N LEU A 158 -22.57 13.52 25.37
CA LEU A 158 -21.82 14.33 26.33
C LEU A 158 -22.30 14.08 27.76
N GLU A 159 -22.39 12.81 28.14
CA GLU A 159 -22.67 12.44 29.52
C GLU A 159 -21.63 11.42 29.96
N ILE A 160 -21.26 11.44 31.23
CA ILE A 160 -20.24 10.51 31.71
C ILE A 160 -20.79 9.09 31.77
N ALA A 161 -20.08 8.19 31.12
CA ALA A 161 -20.45 6.79 31.05
C ALA A 161 -19.68 6.00 32.09
N GLY A 162 -18.95 6.69 32.95
CA GLY A 162 -18.05 6.03 33.89
C GLY A 162 -16.57 6.21 33.56
N LYS A 163 -15.71 5.44 34.20
CA LYS A 163 -14.29 5.74 34.15
C LYS A 163 -13.44 4.60 33.63
N VAL A 164 -12.20 4.93 33.24
CA VAL A 164 -11.25 4.00 32.65
C VAL A 164 -10.41 3.36 33.74
N VAL A 165 -10.60 2.07 33.98
CA VAL A 165 -9.95 1.42 35.10
C VAL A 165 -8.70 0.63 34.74
N ASP A 166 -8.43 0.50 33.44
CA ASP A 166 -7.21 -0.15 33.00
C ASP A 166 -7.08 0.05 31.49
N ILE A 167 -5.98 -0.47 30.96
CA ILE A 167 -5.71 -0.48 29.53
C ILE A 167 -5.43 -1.93 29.21
N TRP A 168 -6.15 -2.48 28.25
CA TRP A 168 -5.87 -3.83 27.83
C TRP A 168 -4.88 -3.77 26.70
N VAL A 169 -3.71 -4.35 26.89
CA VAL A 169 -2.65 -4.18 25.91
C VAL A 169 -2.29 -5.45 25.17
N ASP A 170 -1.90 -5.28 23.92
CA ASP A 170 -1.38 -6.36 23.11
C ASP A 170 0.06 -6.53 23.57
N ILE A 171 0.41 -7.71 24.08
CA ILE A 171 1.77 -7.94 24.53
C ILE A 171 2.79 -7.99 23.39
N PRO A 172 2.62 -8.91 22.42
CA PRO A 172 3.75 -9.02 21.50
C PRO A 172 3.92 -7.83 20.57
N GLU A 173 2.86 -7.06 20.37
CA GLU A 173 3.00 -5.86 19.56
C GLU A 173 3.16 -4.63 20.43
N GLN A 174 3.12 -4.84 21.73
CA GLN A 174 3.23 -3.78 22.72
C GLN A 174 2.42 -2.57 22.30
N MET A 175 1.11 -2.72 22.26
CA MET A 175 0.26 -1.59 21.92
C MET A 175 -1.07 -1.70 22.60
N ALA A 176 -1.68 -0.54 22.88
CA ALA A 176 -3.02 -0.52 23.46
C ALA A 176 -4.05 -1.09 22.48
N ARG A 177 -5.10 -1.69 23.03
CA ARG A 177 -6.13 -2.36 22.24
C ARG A 177 -7.49 -1.88 22.70
N PHE A 178 -7.76 -2.08 23.99
CA PHE A 178 -9.00 -1.64 24.59
C PHE A 178 -8.79 -0.75 25.81
N LEU A 179 -9.80 0.02 26.13
CA LEU A 179 -9.86 0.64 27.43
C LEU A 179 -10.98 -0.03 28.22
N GLU A 180 -10.61 -0.74 29.29
CA GLU A 180 -11.60 -1.27 30.20
C GLU A 180 -12.23 -0.10 30.96
N VAL A 181 -13.56 0.04 30.87
CA VAL A 181 -14.27 1.18 31.43
C VAL A 181 -15.25 0.68 32.46
N GLU A 182 -15.25 1.28 33.65
CA GLU A 182 -16.19 0.88 34.70
C GLU A 182 -17.46 1.73 34.63
N LEU A 183 -18.60 1.08 34.80
CA LEU A 183 -19.89 1.74 34.60
C LEU A 183 -20.48 2.17 35.93
N LYS A 184 -21.70 2.69 35.92
CA LYS A 184 -22.38 3.08 37.15
C LYS A 184 -22.53 1.91 38.14
N ASP A 185 -22.86 0.73 37.63
CA ASP A 185 -23.13 -0.41 38.52
C ASP A 185 -21.87 -1.19 38.84
N GLY A 186 -20.73 -0.65 38.40
CA GLY A 186 -19.43 -1.17 38.78
C GLY A 186 -18.95 -2.31 37.93
N SER A 187 -19.74 -2.68 36.92
CA SER A 187 -19.28 -3.62 35.92
C SER A 187 -18.40 -2.92 34.88
N THR A 188 -17.50 -3.65 34.22
CA THR A 188 -16.70 -3.04 33.18
C THR A 188 -16.92 -3.59 31.78
N ARG A 189 -16.78 -2.71 30.80
CA ARG A 189 -16.82 -3.09 29.40
C ARG A 189 -15.54 -2.63 28.73
N LEU A 190 -15.19 -3.33 27.65
CA LEU A 190 -14.02 -3.01 26.85
C LEU A 190 -14.41 -2.11 25.66
N LEU A 191 -13.71 -0.99 25.53
CA LEU A 191 -13.92 -0.07 24.42
C LEU A 191 -12.72 -0.21 23.51
N PRO A 192 -12.93 -0.47 22.21
CA PRO A 192 -11.79 -0.58 21.27
C PRO A 192 -10.98 0.72 21.21
N MET A 193 -9.66 0.63 21.07
CA MET A 193 -8.84 1.81 21.19
C MET A 193 -9.09 2.77 20.03
N GLN A 194 -9.30 2.18 18.85
CA GLN A 194 -9.55 2.95 17.64
C GLN A 194 -10.84 3.79 17.67
N MET A 195 -11.73 3.51 18.62
CA MET A 195 -12.98 4.27 18.75
C MET A 195 -13.01 5.31 19.88
N VAL A 196 -11.87 5.49 20.55
CA VAL A 196 -11.82 6.45 21.65
C VAL A 196 -10.82 7.55 21.38
N LYS A 197 -11.20 8.78 21.72
CA LYS A 197 -10.24 9.87 21.67
C LYS A 197 -9.88 10.30 23.08
N VAL A 198 -8.66 9.98 23.48
CA VAL A 198 -8.17 10.34 24.79
C VAL A 198 -7.78 11.81 24.76
N GLN A 199 -8.45 12.62 25.56
CA GLN A 199 -8.15 14.04 25.62
C GLN A 199 -7.38 14.35 26.90
N SER A 200 -7.09 15.64 27.10
CA SER A 200 -6.45 16.15 28.29
C SER A 200 -7.26 15.85 29.57
N ASN A 201 -8.51 16.28 29.58
CA ASN A 201 -9.38 16.12 30.74
C ASN A 201 -10.39 14.97 30.73
N ARG A 202 -10.37 14.13 29.70
CA ARG A 202 -11.34 13.02 29.60
C ARG A 202 -11.10 12.12 28.39
N VAL A 203 -11.66 10.90 28.38
CA VAL A 203 -11.69 10.04 27.19
C VAL A 203 -13.05 10.18 26.52
N HIS A 204 -13.08 10.41 25.21
CA HIS A 204 -14.34 10.63 24.54
C HIS A 204 -14.70 9.55 23.51
N VAL A 205 -15.95 9.08 23.61
CA VAL A 205 -16.49 8.11 22.67
C VAL A 205 -17.61 8.74 21.87
N ASN A 206 -17.34 8.97 20.60
CA ASN A 206 -18.31 9.52 19.68
C ASN A 206 -19.31 8.47 19.23
N ALA A 207 -18.83 7.24 19.01
CA ALA A 207 -19.71 6.20 18.48
C ALA A 207 -20.93 5.87 19.34
N LEU A 208 -20.79 5.95 20.67
CA LEU A 208 -21.91 5.62 21.57
C LEU A 208 -22.31 6.77 22.48
N SER A 209 -23.60 6.88 22.74
CA SER A 209 -24.09 7.71 23.83
C SER A 209 -23.92 6.94 25.13
N SER A 210 -24.30 7.53 26.26
CA SER A 210 -24.06 6.92 27.54
C SER A 210 -25.04 5.79 27.81
N ASP A 211 -26.30 5.98 27.46
CA ASP A 211 -27.30 4.92 27.61
C ASP A 211 -26.92 3.63 26.89
N LEU A 212 -26.01 3.70 25.92
CA LEU A 212 -25.69 2.52 25.15
C LEU A 212 -24.51 1.74 25.69
N PHE A 213 -23.87 2.27 26.72
CA PHE A 213 -22.68 1.62 27.22
C PHE A 213 -22.98 0.29 27.85
N ALA A 214 -24.08 0.24 28.61
CA ALA A 214 -24.43 -0.98 29.34
C ALA A 214 -24.76 -2.12 28.36
N GLY A 215 -25.12 -1.72 27.14
CA GLY A 215 -25.38 -2.68 26.07
C GLY A 215 -24.15 -3.40 25.53
N ILE A 216 -22.98 -2.78 25.66
CA ILE A 216 -21.75 -3.36 25.13
C ILE A 216 -21.58 -4.77 25.65
N PRO A 217 -21.45 -5.74 24.74
CA PRO A 217 -21.30 -7.15 25.09
C PRO A 217 -20.21 -7.29 26.11
N THR A 218 -20.41 -8.22 27.04
CA THR A 218 -19.55 -8.39 28.19
C THR A 218 -18.69 -9.61 27.98
N ILE A 219 -17.49 -9.58 28.56
CA ILE A 219 -16.59 -10.72 28.53
C ILE A 219 -16.78 -11.59 29.78
N LYS A 220 -16.61 -12.90 29.66
CA LYS A 220 -16.84 -13.77 30.83
C LYS A 220 -15.69 -13.65 31.82
N SER A 221 -14.54 -14.22 31.48
CA SER A 221 -13.41 -14.18 32.40
C SER A 221 -12.76 -12.81 32.27
N PRO A 222 -12.86 -11.95 33.30
CA PRO A 222 -12.34 -10.63 32.94
C PRO A 222 -10.84 -10.49 33.22
N THR A 223 -10.09 -11.54 32.94
CA THR A 223 -8.64 -11.47 32.82
C THR A 223 -8.23 -11.56 31.36
N GLU A 224 -9.22 -11.80 30.48
CA GLU A 224 -8.97 -12.15 29.07
C GLU A 224 -10.18 -11.87 28.20
N VAL A 225 -9.96 -11.79 26.89
CA VAL A 225 -11.07 -11.61 25.95
C VAL A 225 -10.81 -12.43 24.69
N THR A 226 -11.90 -12.92 24.08
CA THR A 226 -11.80 -13.88 23.01
C THR A 226 -12.26 -13.35 21.64
N LEU A 227 -11.76 -13.99 20.60
CA LEU A 227 -12.04 -13.58 19.25
C LEU A 227 -13.53 -13.29 19.05
N LEU A 228 -14.40 -14.22 19.49
CA LEU A 228 -15.86 -13.97 19.47
C LEU A 228 -16.30 -12.74 20.31
N GLU A 229 -15.68 -12.55 21.46
CA GLU A 229 -16.05 -11.43 22.33
C GLU A 229 -15.49 -10.08 21.85
N GLU A 230 -14.38 -10.11 21.12
CA GLU A 230 -13.84 -8.88 20.57
C GLU A 230 -14.80 -8.43 19.47
N ASP A 231 -15.08 -9.36 18.55
CA ASP A 231 -15.99 -9.10 17.45
C ASP A 231 -17.35 -8.55 17.91
N LYS A 232 -17.89 -9.10 18.99
CA LYS A 232 -19.18 -8.63 19.50
C LYS A 232 -19.15 -7.18 20.04
N ILE A 233 -18.02 -6.82 20.65
CA ILE A 233 -17.80 -5.50 21.24
C ILE A 233 -17.44 -4.45 20.17
N CYS A 234 -16.52 -4.83 19.29
CA CYS A 234 -16.11 -3.97 18.21
C CYS A 234 -17.26 -3.71 17.24
N GLY A 235 -17.95 -4.79 16.88
CA GLY A 235 -19.14 -4.70 16.05
C GLY A 235 -20.09 -3.73 16.72
N TYR A 236 -20.40 -3.99 17.98
CA TYR A 236 -21.34 -3.17 18.71
C TYR A 236 -21.00 -1.68 18.69
N VAL A 237 -19.79 -1.33 19.11
CA VAL A 237 -19.44 0.08 19.24
C VAL A 237 -19.45 0.80 17.88
N ALA A 238 -18.82 0.19 16.88
CA ALA A 238 -18.88 0.70 15.50
C ALA A 238 -20.30 0.95 14.99
N GLY A 239 -21.21 0.04 15.32
CA GLY A 239 -22.58 0.14 14.84
C GLY A 239 -23.24 1.38 15.36
N GLY A 240 -22.83 1.78 16.57
CA GLY A 240 -23.43 2.90 17.27
C GLY A 240 -23.38 4.18 16.46
N LEU A 241 -22.41 4.26 15.57
CA LEU A 241 -22.25 5.43 14.73
C LEU A 241 -23.54 5.69 13.96
N MET A 242 -23.97 4.70 13.19
CA MET A 242 -25.22 4.80 12.47
C MET A 242 -26.42 4.82 13.40
N TYR A 243 -26.40 3.95 14.40
CA TYR A 243 -27.56 3.72 15.26
C TYR A 243 -27.79 4.69 16.44
N ALA A 244 -26.74 5.28 17.00
CA ALA A 244 -26.91 6.22 18.10
C ALA A 244 -27.09 7.65 17.60
N ALA A 245 -27.17 7.80 16.27
CA ALA A 245 -27.30 9.10 15.60
C ALA A 245 -28.29 10.14 16.16
N PRO A 246 -29.49 9.70 16.61
CA PRO A 246 -30.44 10.66 17.20
C PRO A 246 -29.96 11.38 18.48
N LYS A 247 -29.14 10.69 19.29
CA LYS A 247 -28.62 11.24 20.55
C LYS A 247 -27.26 11.90 20.39
N ARG A 248 -26.75 11.98 19.16
CA ARG A 248 -25.46 12.61 18.90
C ARG A 248 -25.61 14.07 18.50
N LYS A 249 -25.12 14.96 19.37
CA LYS A 249 -25.13 16.40 19.13
C LYS A 249 -23.95 16.78 18.22
N SER A 250 -23.70 18.08 18.09
CA SER A 250 -22.54 18.57 17.34
C SER A 250 -22.49 18.03 15.90
N ALA B 2 -27.26 -12.53 -5.97
CA ALA B 2 -25.89 -12.99 -5.74
C ALA B 2 -25.17 -12.23 -4.63
N LEU B 3 -25.15 -12.79 -3.42
CA LEU B 3 -24.33 -12.23 -2.36
C LEU B 3 -23.26 -13.21 -1.94
N LEU B 4 -22.35 -12.74 -1.09
CA LEU B 4 -21.36 -13.57 -0.43
C LEU B 4 -22.06 -14.21 0.75
N SER B 5 -21.53 -15.35 1.18
CA SER B 5 -22.20 -16.12 2.20
C SER B 5 -22.48 -15.29 3.45
N PHE B 6 -21.60 -14.34 3.75
CA PHE B 6 -21.80 -13.48 4.92
C PHE B 6 -22.47 -12.13 4.67
N GLU B 7 -22.77 -11.85 3.40
CA GLU B 7 -23.08 -10.50 2.96
C GLU B 7 -24.36 -9.91 3.56
N ARG B 8 -25.37 -10.76 3.76
CA ARG B 8 -26.73 -10.25 3.97
C ARG B 8 -26.89 -9.43 5.23
N LYS B 9 -26.22 -9.83 6.31
CA LYS B 9 -26.36 -9.10 7.58
C LYS B 9 -25.95 -7.62 7.50
N TYR B 10 -25.09 -7.29 6.55
CA TYR B 10 -24.52 -5.95 6.49
C TYR B 10 -25.37 -5.01 5.65
N ARG B 11 -26.32 -5.60 4.93
CA ARG B 11 -27.09 -4.93 3.89
C ARG B 11 -28.27 -4.12 4.43
N VAL B 12 -28.22 -3.77 5.71
CA VAL B 12 -29.17 -2.82 6.30
C VAL B 12 -29.19 -1.48 5.56
N PRO B 13 -30.29 -0.71 5.69
CA PRO B 13 -30.43 0.61 5.04
C PRO B 13 -29.68 1.73 5.75
N GLY B 14 -29.38 2.81 5.03
CA GLY B 14 -28.81 4.00 5.65
C GLY B 14 -27.35 4.25 5.39
N GLY B 15 -26.89 5.45 5.77
CA GLY B 15 -25.52 5.86 5.49
C GLY B 15 -25.47 6.90 4.40
N THR B 16 -26.54 6.99 3.61
CA THR B 16 -26.65 7.96 2.51
C THR B 16 -26.34 9.40 2.94
N LEU B 17 -25.57 10.11 2.12
CA LEU B 17 -25.38 11.56 2.33
C LEU B 17 -26.51 12.38 1.70
N VAL B 18 -27.05 11.88 0.60
CA VAL B 18 -28.02 12.61 -0.20
C VAL B 18 -29.14 11.70 -0.64
N GLY B 19 -30.38 12.11 -0.39
CA GLY B 19 -31.50 11.47 -1.04
C GLY B 19 -32.26 10.46 -0.22
N GLY B 20 -31.76 10.14 0.96
CA GLY B 20 -32.42 9.16 1.80
C GLY B 20 -32.53 7.81 1.13
N ASN B 21 -33.65 7.13 1.36
CA ASN B 21 -33.78 5.72 0.97
C ASN B 21 -33.87 5.48 -0.53
N LEU B 22 -33.91 6.57 -1.29
CA LEU B 22 -34.30 6.54 -2.69
C LEU B 22 -33.36 5.72 -3.59
N PHE B 23 -32.08 6.05 -3.58
CA PHE B 23 -31.11 5.32 -4.40
C PHE B 23 -30.39 4.27 -3.60
N ASP B 24 -30.82 4.10 -2.35
CA ASP B 24 -30.12 3.23 -1.46
C ASP B 24 -30.65 1.83 -1.70
N PHE B 25 -29.83 1.06 -2.42
CA PHE B 25 -30.08 -0.32 -2.84
C PHE B 25 -28.94 -0.74 -3.75
N TRP B 26 -28.92 -2.02 -4.13
CA TRP B 26 -27.83 -2.57 -4.92
C TRP B 26 -28.24 -3.03 -6.32
N VAL B 27 -27.24 -3.14 -7.19
CA VAL B 27 -27.38 -3.79 -8.49
C VAL B 27 -26.25 -4.80 -8.57
N GLY B 28 -26.58 -6.08 -8.54
CA GLY B 28 -25.56 -7.11 -8.41
C GLY B 28 -24.80 -6.85 -7.12
N PRO B 29 -23.47 -7.00 -7.17
CA PRO B 29 -22.57 -6.67 -6.07
C PRO B 29 -22.45 -5.16 -5.87
N PHE B 30 -22.63 -4.38 -6.92
CA PHE B 30 -22.47 -2.93 -6.81
C PHE B 30 -23.53 -2.23 -5.98
N TYR B 31 -23.07 -1.48 -5.00
CA TYR B 31 -23.93 -0.56 -4.30
C TYR B 31 -24.24 0.61 -5.22
N VAL B 32 -25.41 1.21 -5.09
CA VAL B 32 -25.73 2.34 -5.95
C VAL B 32 -25.54 3.67 -5.25
N GLY B 33 -26.52 4.08 -4.44
CA GLY B 33 -26.49 5.39 -3.82
C GLY B 33 -26.72 6.51 -4.82
N PHE B 34 -26.97 7.72 -4.33
CA PHE B 34 -27.09 8.90 -5.17
C PHE B 34 -25.94 8.95 -6.15
N PHE B 35 -24.74 9.02 -5.59
CA PHE B 35 -23.49 9.14 -6.32
C PHE B 35 -23.14 7.92 -7.20
N GLY B 36 -23.85 6.81 -7.02
CA GLY B 36 -23.65 5.71 -7.93
C GLY B 36 -24.26 6.14 -9.25
N VAL B 37 -25.40 6.82 -9.17
CA VAL B 37 -26.09 7.29 -10.36
C VAL B 37 -25.34 8.44 -11.02
N ALA B 38 -24.94 9.42 -10.22
CA ALA B 38 -24.12 10.52 -10.70
C ALA B 38 -22.92 9.99 -11.46
N THR B 39 -22.14 9.12 -10.81
CA THR B 39 -20.99 8.48 -11.44
C THR B 39 -21.36 7.92 -12.80
N PHE B 40 -22.46 7.18 -12.84
CA PHE B 40 -22.93 6.58 -14.07
C PHE B 40 -23.12 7.64 -15.14
N PHE B 41 -23.92 8.64 -14.80
CA PHE B 41 -24.20 9.76 -15.67
C PHE B 41 -22.94 10.53 -16.14
N PHE B 42 -22.06 10.92 -15.22
CA PHE B 42 -20.80 11.56 -15.59
C PHE B 42 -19.92 10.67 -16.42
N ALA B 43 -19.95 9.36 -16.14
CA ALA B 43 -19.14 8.44 -16.91
C ALA B 43 -19.78 8.18 -18.25
N ALA B 44 -21.11 8.03 -18.25
CA ALA B 44 -21.90 7.83 -19.48
C ALA B 44 -21.65 8.96 -20.47
N LEU B 45 -22.05 10.15 -20.07
CA LEU B 45 -21.79 11.36 -20.84
C LEU B 45 -20.34 11.39 -21.32
N GLY B 46 -19.42 11.45 -20.36
CA GLY B 46 -18.01 11.49 -20.65
C GLY B 46 -17.51 10.47 -21.67
N ILE B 47 -18.09 9.28 -21.66
CA ILE B 47 -17.66 8.25 -22.62
C ILE B 47 -18.22 8.61 -23.99
N ILE B 48 -19.51 8.95 -24.01
CA ILE B 48 -20.20 9.41 -25.22
C ILE B 48 -19.50 10.57 -25.95
N LEU B 49 -19.17 11.63 -25.21
CA LEU B 49 -18.37 12.71 -25.77
C LEU B 49 -17.07 12.20 -26.40
N ILE B 50 -16.30 11.41 -25.63
CA ILE B 50 -15.08 10.79 -26.12
C ILE B 50 -15.37 9.90 -27.32
N ALA B 51 -16.48 9.17 -27.28
CA ALA B 51 -16.89 8.36 -28.40
C ALA B 51 -17.19 9.25 -29.62
N TRP B 52 -17.83 10.39 -29.36
CA TRP B 52 -18.19 11.32 -30.43
C TRP B 52 -17.03 12.23 -30.84
N SER B 53 -16.02 12.34 -29.99
CA SER B 53 -14.76 12.99 -30.31
C SER B 53 -13.85 12.08 -31.16
N ALA B 54 -14.21 10.79 -31.20
CA ALA B 54 -13.46 9.81 -31.98
C ALA B 54 -13.92 9.82 -33.42
N VAL B 55 -15.12 10.34 -33.66
CA VAL B 55 -15.66 10.42 -35.01
C VAL B 55 -15.04 11.59 -35.78
N LEU B 56 -15.00 12.75 -35.13
CA LEU B 56 -14.39 13.94 -35.68
C LEU B 56 -12.93 13.72 -36.07
N GLN B 57 -12.28 12.76 -35.43
CA GLN B 57 -10.91 12.43 -35.78
C GLN B 57 -10.87 11.32 -36.83
N GLY B 58 -12.02 10.70 -37.08
CA GLY B 58 -12.15 9.68 -38.11
C GLY B 58 -11.46 8.37 -37.80
N THR B 59 -11.58 7.92 -36.55
CA THR B 59 -11.07 6.61 -36.17
C THR B 59 -11.81 6.01 -34.96
N TRP B 60 -11.95 4.68 -34.95
CA TRP B 60 -12.07 3.99 -33.68
C TRP B 60 -10.86 3.09 -33.58
N ASN B 61 -9.85 3.60 -32.89
CA ASN B 61 -8.62 2.86 -32.60
C ASN B 61 -8.04 3.40 -31.31
N PRO B 62 -8.37 2.78 -30.18
CA PRO B 62 -7.95 3.30 -28.86
C PRO B 62 -6.48 3.74 -28.87
N GLN B 63 -5.65 3.04 -29.63
CA GLN B 63 -4.26 3.39 -29.88
C GLN B 63 -4.17 4.77 -30.54
N LEU B 64 -5.05 5.01 -31.52
CA LEU B 64 -5.09 6.28 -32.25
C LEU B 64 -5.87 7.41 -31.54
N ILE B 65 -7.02 7.04 -30.97
CA ILE B 65 -7.97 8.02 -30.47
C ILE B 65 -7.36 8.94 -29.43
N SER B 66 -7.65 10.23 -29.56
CA SER B 66 -7.11 11.19 -28.64
C SER B 66 -7.99 12.43 -28.57
N VAL B 67 -8.08 13.05 -27.41
CA VAL B 67 -8.85 14.29 -27.29
C VAL B 67 -7.96 15.41 -26.76
N TYR B 68 -7.60 16.34 -27.64
CA TYR B 68 -6.64 17.35 -27.22
C TYR B 68 -7.29 18.56 -26.60
N PRO B 69 -6.57 19.15 -25.63
CA PRO B 69 -7.03 20.39 -25.04
C PRO B 69 -7.03 21.55 -26.05
N PRO B 70 -7.91 22.53 -25.84
CA PRO B 70 -7.92 23.74 -26.66
C PRO B 70 -6.53 24.38 -26.64
N ALA B 71 -6.06 24.79 -27.82
CA ALA B 71 -4.68 25.26 -27.98
C ALA B 71 -4.45 26.54 -27.19
N LEU B 72 -3.17 26.87 -26.97
CA LEU B 72 -2.75 27.99 -26.13
C LEU B 72 -3.48 29.30 -26.44
N GLU B 73 -3.92 29.43 -27.69
CA GLU B 73 -4.62 30.61 -28.15
C GLU B 73 -5.96 30.82 -27.45
N TYR B 74 -6.69 29.74 -27.19
CA TYR B 74 -7.99 29.88 -26.54
C TYR B 74 -7.85 30.24 -25.06
N GLY B 75 -6.64 30.18 -24.53
CA GLY B 75 -6.39 30.53 -23.14
C GLY B 75 -7.21 29.73 -22.14
N LEU B 76 -7.80 30.44 -21.19
CA LEU B 76 -8.64 29.82 -20.17
C LEU B 76 -10.12 29.89 -20.51
N GLY B 77 -10.43 30.40 -21.69
CA GLY B 77 -11.83 30.56 -22.08
C GLY B 77 -12.37 29.30 -22.70
N GLY B 78 -13.57 29.40 -23.27
CA GLY B 78 -14.19 28.27 -23.95
C GLY B 78 -13.65 28.07 -25.34
N ALA B 79 -13.96 26.92 -25.94
CA ALA B 79 -13.50 26.62 -27.27
C ALA B 79 -14.55 25.77 -28.01
N PRO B 80 -14.52 25.82 -29.35
CA PRO B 80 -15.42 24.98 -30.15
C PRO B 80 -15.12 23.50 -29.94
N LEU B 81 -16.08 22.64 -30.24
CA LEU B 81 -16.02 21.25 -29.80
C LEU B 81 -14.89 20.42 -30.39
N ALA B 82 -14.76 20.37 -31.71
CA ALA B 82 -13.66 19.61 -32.28
C ALA B 82 -12.36 20.38 -32.06
N LYS B 83 -12.52 21.61 -31.57
CA LYS B 83 -11.41 22.53 -31.32
C LYS B 83 -10.90 22.52 -29.88
N GLY B 84 -11.38 21.55 -29.09
CA GLY B 84 -10.97 21.41 -27.69
C GLY B 84 -12.03 21.73 -26.65
N GLY B 85 -13.23 22.07 -27.12
CA GLY B 85 -14.36 22.18 -26.21
C GLY B 85 -14.68 20.82 -25.60
N LEU B 86 -14.59 19.77 -26.42
CA LEU B 86 -14.89 18.41 -25.97
C LEU B 86 -14.06 18.01 -24.77
N TRP B 87 -12.74 18.14 -24.90
CA TRP B 87 -11.80 17.84 -23.84
C TRP B 87 -12.21 18.52 -22.56
N GLN B 88 -12.67 19.77 -22.69
CA GLN B 88 -13.05 20.58 -21.54
C GLN B 88 -14.26 19.99 -20.80
N ILE B 89 -15.27 19.54 -21.55
CA ILE B 89 -16.45 18.96 -20.92
C ILE B 89 -16.12 17.59 -20.37
N ILE B 90 -15.39 16.82 -21.17
CA ILE B 90 -14.94 15.49 -20.78
C ILE B 90 -14.21 15.58 -19.43
N THR B 91 -13.26 16.50 -19.31
CA THR B 91 -12.65 16.78 -18.01
C THR B 91 -13.68 17.07 -16.93
N ILE B 92 -14.71 17.85 -17.23
CA ILE B 92 -15.80 18.05 -16.29
C ILE B 92 -16.50 16.71 -15.97
N CYS B 93 -16.77 15.91 -17.00
CA CYS B 93 -17.34 14.59 -16.80
C CYS B 93 -16.45 13.69 -15.95
N ALA B 94 -15.17 13.65 -16.27
CA ALA B 94 -14.14 12.92 -15.51
C ALA B 94 -14.06 13.35 -14.04
N THR B 95 -13.81 14.63 -13.82
CA THR B 95 -13.72 15.17 -12.48
C THR B 95 -15.02 14.91 -11.73
N GLY B 96 -16.13 14.98 -12.45
CA GLY B 96 -17.41 14.60 -11.89
C GLY B 96 -17.44 13.14 -11.44
N ALA B 97 -17.09 12.23 -12.35
CA ALA B 97 -17.28 10.81 -12.10
C ALA B 97 -16.31 10.27 -11.09
N PHE B 98 -15.22 10.98 -10.86
CA PHE B 98 -14.24 10.56 -9.86
C PHE B 98 -14.70 10.97 -8.48
N VAL B 99 -15.18 12.19 -8.38
CA VAL B 99 -15.68 12.76 -7.14
C VAL B 99 -17.00 12.13 -6.74
N SER B 100 -17.87 11.86 -7.72
CA SER B 100 -19.07 11.08 -7.45
C SER B 100 -18.66 9.70 -6.95
N TRP B 101 -17.53 9.18 -7.44
CA TRP B 101 -17.05 7.88 -7.01
C TRP B 101 -16.61 7.92 -5.57
N ALA B 102 -15.71 8.84 -5.25
CA ALA B 102 -15.23 8.98 -3.88
C ALA B 102 -16.38 9.18 -2.90
N LEU B 103 -17.39 9.96 -3.28
CA LEU B 103 -18.49 10.21 -2.36
C LEU B 103 -19.37 8.97 -2.20
N ARG B 104 -19.53 8.20 -3.28
CA ARG B 104 -20.22 6.91 -3.21
C ARG B 104 -19.47 5.98 -2.28
N GLU B 105 -18.14 6.14 -2.23
CA GLU B 105 -17.31 5.31 -1.36
C GLU B 105 -17.48 5.70 0.09
N VAL B 106 -17.78 6.97 0.31
CA VAL B 106 -18.05 7.48 1.65
C VAL B 106 -19.39 6.94 2.13
N GLU B 107 -20.34 6.81 1.22
CA GLU B 107 -21.65 6.27 1.59
C GLU B 107 -21.59 4.78 1.90
N ILE B 108 -20.65 4.09 1.27
CA ILE B 108 -20.42 2.68 1.58
C ILE B 108 -19.70 2.53 2.90
N CYS B 109 -18.79 3.46 3.18
CA CYS B 109 -18.16 3.46 4.48
C CYS B 109 -19.20 3.60 5.56
N ARG B 110 -20.23 4.38 5.31
CA ARG B 110 -21.15 4.69 6.39
C ARG B 110 -22.05 3.52 6.70
N LYS B 111 -22.39 2.76 5.68
CA LYS B 111 -23.21 1.57 5.85
C LYS B 111 -22.40 0.50 6.57
N LEU B 112 -21.12 0.39 6.23
CA LEU B 112 -20.29 -0.66 6.81
C LEU B 112 -19.65 -0.24 8.13
N GLY B 113 -20.01 0.95 8.62
CA GLY B 113 -19.50 1.45 9.87
C GLY B 113 -17.98 1.43 10.00
N ILE B 114 -17.27 1.53 8.88
CA ILE B 114 -15.81 1.60 8.88
C ILE B 114 -15.30 3.05 8.76
N GLY B 115 -13.97 3.22 8.77
CA GLY B 115 -13.40 4.55 8.65
C GLY B 115 -13.42 5.02 7.21
N TYR B 116 -13.25 6.33 7.01
CA TYR B 116 -13.26 6.95 5.68
C TYR B 116 -11.92 6.89 4.96
N HIS B 117 -10.95 6.19 5.55
CA HIS B 117 -9.58 6.13 5.06
C HIS B 117 -9.44 5.90 3.56
N ILE B 118 -10.24 4.99 2.99
CA ILE B 118 -10.15 4.68 1.55
C ILE B 118 -10.49 5.86 0.62
N PRO B 119 -11.71 6.43 0.71
CA PRO B 119 -11.97 7.56 -0.18
C PRO B 119 -11.18 8.82 0.19
N PHE B 120 -10.61 8.85 1.39
CA PHE B 120 -9.65 9.88 1.70
C PHE B 120 -8.41 9.71 0.81
N ALA B 121 -7.86 8.50 0.81
CA ALA B 121 -6.72 8.15 -0.03
C ALA B 121 -7.00 8.28 -1.54
N PHE B 122 -8.25 8.08 -1.94
CA PHE B 122 -8.57 8.18 -3.35
C PHE B 122 -8.34 9.61 -3.75
N ALA B 123 -8.76 10.52 -2.89
CA ALA B 123 -8.70 11.94 -3.18
C ALA B 123 -7.28 12.41 -3.53
N PHE B 124 -6.28 11.71 -3.02
CA PHE B 124 -4.93 12.03 -3.40
C PHE B 124 -4.66 11.75 -4.87
N ALA B 125 -5.31 10.74 -5.43
CA ALA B 125 -5.18 10.47 -6.87
C ALA B 125 -5.99 11.46 -7.74
N ILE B 126 -7.20 11.75 -7.31
CA ILE B 126 -7.97 12.83 -7.90
C ILE B 126 -7.17 14.15 -7.87
N LEU B 127 -6.54 14.50 -6.75
CA LEU B 127 -5.74 15.73 -6.71
C LEU B 127 -4.56 15.76 -7.69
N ALA B 128 -3.90 14.63 -7.89
CA ALA B 128 -2.83 14.56 -8.87
C ALA B 128 -3.41 14.90 -10.23
N TYR B 129 -4.54 14.29 -10.53
CA TYR B 129 -5.19 14.49 -11.80
C TYR B 129 -5.61 15.94 -11.99
N LEU B 130 -6.26 16.50 -10.97
CA LEU B 130 -6.71 17.89 -11.04
C LEU B 130 -5.56 18.91 -11.11
N THR B 131 -4.46 18.62 -10.41
CA THR B 131 -3.22 19.33 -10.69
C THR B 131 -3.02 19.36 -12.21
N LEU B 132 -2.75 18.21 -12.82
CA LEU B 132 -2.51 18.16 -14.27
C LEU B 132 -3.55 18.85 -15.18
N VAL B 133 -4.85 18.56 -15.04
CA VAL B 133 -5.81 19.16 -15.98
C VAL B 133 -6.37 20.50 -15.56
N LEU B 134 -6.13 20.91 -14.31
CA LEU B 134 -6.79 22.11 -13.81
C LEU B 134 -5.87 23.11 -13.15
N PHE B 135 -5.26 22.73 -12.03
CA PHE B 135 -4.47 23.68 -11.24
C PHE B 135 -3.24 24.17 -11.98
N ARG B 136 -2.56 23.26 -12.67
CA ARG B 136 -1.42 23.68 -13.47
C ARG B 136 -1.87 24.56 -14.64
N PRO B 137 -2.82 24.10 -15.47
CA PRO B 137 -3.28 24.95 -16.57
C PRO B 137 -3.77 26.34 -16.17
N VAL B 138 -4.59 26.43 -15.12
CA VAL B 138 -5.12 27.70 -14.67
C VAL B 138 -4.04 28.64 -14.09
N MET B 139 -2.98 28.06 -13.52
CA MET B 139 -1.86 28.87 -13.09
C MET B 139 -1.04 29.32 -14.31
N MET B 140 -1.06 28.51 -15.35
CA MET B 140 -0.32 28.81 -16.56
C MET B 140 -1.16 29.53 -17.61
N GLY B 141 -2.46 29.62 -17.36
CA GLY B 141 -3.34 30.36 -18.26
C GLY B 141 -3.79 29.72 -19.56
N ALA B 142 -3.55 28.41 -19.75
CA ALA B 142 -4.13 27.72 -20.92
C ALA B 142 -4.50 26.27 -20.68
N TRP B 143 -5.66 25.87 -21.19
CA TRP B 143 -6.07 24.47 -21.06
C TRP B 143 -5.19 23.58 -21.92
N GLY B 144 -4.48 24.18 -22.88
CA GLY B 144 -3.58 23.43 -23.74
C GLY B 144 -2.33 22.88 -23.08
N TYR B 145 -2.01 23.37 -21.88
CA TYR B 145 -0.87 22.86 -21.12
C TYR B 145 -1.15 21.51 -20.48
N ALA B 146 -2.43 21.20 -20.32
CA ALA B 146 -2.87 19.91 -19.79
C ALA B 146 -2.53 18.77 -20.75
N PHE B 147 -2.51 17.56 -20.21
CA PHE B 147 -2.34 16.35 -21.03
C PHE B 147 -3.60 16.02 -21.83
N PRO B 148 -3.42 15.52 -23.06
CA PRO B 148 -4.56 15.12 -23.87
C PRO B 148 -5.02 13.75 -23.45
N TYR B 149 -6.27 13.44 -23.69
CA TYR B 149 -6.74 12.12 -23.34
C TYR B 149 -6.57 11.20 -24.51
N GLY B 150 -5.54 10.37 -24.46
CA GLY B 150 -5.41 9.28 -25.40
C GLY B 150 -4.25 8.42 -24.99
N ILE B 151 -4.29 7.13 -25.32
CA ILE B 151 -3.37 6.13 -24.74
C ILE B 151 -1.89 6.50 -24.85
N TRP B 152 -1.36 6.57 -26.06
CA TRP B 152 0.02 7.01 -26.26
C TRP B 152 0.14 8.52 -26.29
N THR B 153 -0.86 9.19 -26.86
CA THR B 153 -0.79 10.63 -27.04
C THR B 153 -0.60 11.39 -25.72
N HIS B 154 -1.10 10.83 -24.62
CA HIS B 154 -0.82 11.47 -23.33
C HIS B 154 0.62 11.19 -22.87
N LEU B 155 1.19 10.07 -23.33
CA LEU B 155 2.57 9.72 -23.01
C LEU B 155 3.51 10.54 -23.89
N ASP B 156 2.98 11.02 -25.01
CA ASP B 156 3.73 11.95 -25.83
C ASP B 156 3.83 13.21 -24.98
N TRP B 157 2.69 13.65 -24.47
CA TRP B 157 2.60 14.85 -23.64
C TRP B 157 3.63 14.85 -22.52
N VAL B 158 3.87 13.67 -21.97
CA VAL B 158 4.78 13.54 -20.86
C VAL B 158 6.20 13.80 -21.34
N SER B 159 6.60 13.10 -22.40
CA SER B 159 7.99 13.18 -22.84
C SER B 159 8.32 14.57 -23.34
N ASN B 160 7.32 15.24 -23.93
CA ASN B 160 7.49 16.61 -24.38
C ASN B 160 7.52 17.59 -23.23
N THR B 161 6.52 17.54 -22.35
CA THR B 161 6.53 18.36 -21.15
C THR B 161 7.80 18.14 -20.31
N GLY B 162 8.29 16.93 -20.28
CA GLY B 162 9.45 16.64 -19.46
C GLY B 162 10.67 17.32 -20.02
N TYR B 163 10.92 17.07 -21.30
CA TYR B 163 12.16 17.51 -21.94
C TYR B 163 12.18 19.02 -22.22
N THR B 164 11.01 19.65 -22.11
CA THR B 164 10.92 21.13 -22.13
C THR B 164 11.81 21.74 -21.07
N TYR B 165 11.84 21.05 -19.93
CA TYR B 165 12.63 21.45 -18.78
C TYR B 165 13.95 20.76 -18.66
N GLY B 166 14.34 20.06 -19.72
CA GLY B 166 15.57 19.28 -19.74
C GLY B 166 15.34 17.82 -19.39
N ASN B 167 16.36 17.20 -18.81
CA ASN B 167 16.15 15.92 -18.16
C ASN B 167 15.31 16.23 -16.94
N PHE B 168 14.16 15.57 -16.81
CA PHE B 168 13.21 15.92 -15.77
C PHE B 168 13.64 15.40 -14.39
N HIS B 169 14.53 14.40 -14.42
CA HIS B 169 15.08 13.82 -13.20
C HIS B 169 15.61 14.88 -12.27
N TYR B 170 15.96 16.03 -12.80
CA TYR B 170 16.57 17.07 -12.00
C TYR B 170 15.56 17.92 -11.23
N ASN B 171 14.29 17.65 -11.43
CA ASN B 171 13.27 18.25 -10.59
C ASN B 171 13.37 17.59 -9.21
N PRO B 172 13.72 18.36 -8.16
CA PRO B 172 13.96 17.76 -6.84
C PRO B 172 12.70 17.17 -6.20
N ALA B 173 11.54 17.78 -6.44
CA ALA B 173 10.27 17.31 -5.90
C ALA B 173 9.88 16.03 -6.60
N HIS B 174 10.36 15.91 -7.83
CA HIS B 174 10.14 14.72 -8.65
C HIS B 174 11.05 13.59 -8.11
N MET B 175 12.29 13.89 -7.79
CA MET B 175 13.17 12.93 -7.15
C MET B 175 12.56 12.41 -5.86
N ILE B 176 11.94 13.30 -5.10
CA ILE B 176 11.31 12.91 -3.85
C ILE B 176 10.11 11.99 -4.09
N ALA B 177 9.23 12.41 -5.00
CA ALA B 177 8.10 11.60 -5.43
C ALA B 177 8.53 10.19 -5.84
N ILE B 178 9.55 10.09 -6.68
CA ILE B 178 10.06 8.80 -7.12
C ILE B 178 10.58 7.99 -5.96
N THR B 179 11.26 8.62 -5.02
CA THR B 179 11.82 7.85 -3.92
C THR B 179 10.69 7.16 -3.15
N PHE B 180 9.57 7.87 -3.00
CA PHE B 180 8.35 7.28 -2.44
C PHE B 180 7.78 6.14 -3.29
N PHE B 181 7.57 6.36 -4.58
CA PHE B 181 7.14 5.27 -5.49
C PHE B 181 8.05 4.05 -5.48
N PHE B 182 9.34 4.27 -5.43
CA PHE B 182 10.29 3.19 -5.47
C PHE B 182 10.32 2.49 -4.13
N THR B 183 10.01 3.23 -3.06
CA THR B 183 10.04 2.64 -1.74
C THR B 183 8.78 1.82 -1.46
N ASN B 184 7.65 2.43 -1.81
CA ASN B 184 6.34 1.87 -1.58
C ASN B 184 6.24 0.50 -2.22
N ALA B 185 6.80 0.37 -3.41
CA ALA B 185 6.75 -0.90 -4.11
C ALA B 185 7.61 -1.90 -3.36
N LEU B 186 8.70 -1.41 -2.79
CA LEU B 186 9.55 -2.26 -1.94
C LEU B 186 8.79 -2.63 -0.66
N ALA B 187 8.01 -1.70 -0.12
CA ALA B 187 7.21 -1.97 1.06
C ALA B 187 5.99 -2.86 0.76
N LEU B 188 5.54 -2.86 -0.48
CA LEU B 188 4.45 -3.74 -0.86
C LEU B 188 5.00 -5.14 -1.01
N ALA B 189 6.16 -5.25 -1.63
CA ALA B 189 6.78 -6.53 -1.90
C ALA B 189 7.09 -7.24 -0.60
N LEU B 190 7.55 -6.47 0.38
CA LEU B 190 7.89 -7.04 1.66
C LEU B 190 6.65 -7.48 2.41
N HIS B 191 5.74 -6.52 2.61
CA HIS B 191 4.50 -6.79 3.35
C HIS B 191 3.76 -8.02 2.86
N GLY B 192 3.72 -8.20 1.55
CA GLY B 192 3.07 -9.35 0.98
C GLY B 192 3.88 -10.61 1.23
N ALA B 193 5.19 -10.54 0.98
CA ALA B 193 6.05 -11.69 1.14
C ALA B 193 6.08 -12.17 2.60
N LEU B 194 5.93 -11.24 3.54
CA LEU B 194 6.00 -11.57 4.96
C LEU B 194 4.74 -12.31 5.41
N VAL B 195 3.61 -11.61 5.35
CA VAL B 195 2.33 -12.20 5.68
C VAL B 195 2.11 -13.55 4.96
N LEU B 196 2.51 -13.66 3.70
CA LEU B 196 2.36 -14.94 3.02
C LEU B 196 3.28 -16.01 3.58
N SER B 197 4.55 -15.69 3.81
CA SER B 197 5.48 -16.65 4.39
C SER B 197 4.93 -17.25 5.69
N ALA B 198 4.29 -16.42 6.51
CA ALA B 198 3.83 -16.89 7.80
C ALA B 198 2.54 -17.69 7.72
N ALA B 199 1.65 -17.35 6.78
CA ALA B 199 0.43 -18.14 6.60
C ALA B 199 0.70 -19.39 5.76
N ASN B 200 1.78 -19.36 4.98
CA ASN B 200 2.18 -20.50 4.17
C ASN B 200 3.60 -20.94 4.47
N PRO B 201 3.83 -21.47 5.69
CA PRO B 201 5.17 -21.84 6.16
C PRO B 201 5.67 -23.09 5.50
N GLU B 202 6.78 -23.61 6.01
CA GLU B 202 7.39 -24.78 5.41
C GLU B 202 6.41 -25.97 5.50
N LYS B 203 6.67 -27.01 4.71
CA LYS B 203 5.76 -28.16 4.61
C LYS B 203 5.44 -28.77 5.96
N GLY B 204 4.14 -28.86 6.26
CA GLY B 204 3.70 -29.55 7.46
C GLY B 204 3.72 -28.72 8.73
N LYS B 205 4.43 -27.59 8.70
CA LYS B 205 4.54 -26.74 9.88
C LYS B 205 3.26 -25.98 10.19
N GLU B 206 3.17 -25.52 11.44
CA GLU B 206 2.01 -24.76 11.87
C GLU B 206 2.09 -23.34 11.33
N MET B 207 0.92 -22.75 11.07
CA MET B 207 0.81 -21.36 10.69
C MET B 207 1.63 -20.59 11.70
N ARG B 208 2.52 -19.72 11.22
CA ARG B 208 3.32 -18.90 12.11
C ARG B 208 2.48 -17.81 12.71
N THR B 209 3.10 -16.97 13.51
CA THR B 209 2.37 -15.95 14.24
C THR B 209 2.99 -14.60 13.93
N PRO B 210 2.23 -13.52 14.15
CA PRO B 210 2.77 -12.17 13.98
C PRO B 210 4.08 -11.97 14.76
N ASP B 211 4.28 -12.77 15.80
CA ASP B 211 5.52 -12.72 16.56
C ASP B 211 6.68 -13.18 15.67
N HIS B 212 6.43 -14.15 14.79
CA HIS B 212 7.45 -14.63 13.87
C HIS B 212 7.76 -13.58 12.81
N GLU B 213 6.74 -12.78 12.51
CA GLU B 213 6.90 -11.70 11.56
C GLU B 213 7.89 -10.67 12.12
N ASP B 214 7.59 -10.14 13.31
CA ASP B 214 8.47 -9.17 13.97
C ASP B 214 9.87 -9.75 14.10
N THR B 215 9.94 -11.05 14.41
CA THR B 215 11.21 -11.73 14.59
C THR B 215 12.02 -11.74 13.30
N PHE B 216 11.41 -12.27 12.24
CA PHE B 216 12.08 -12.36 10.95
C PHE B 216 12.71 -11.02 10.53
N PHE B 217 12.01 -9.92 10.77
CA PHE B 217 12.57 -8.64 10.36
C PHE B 217 13.70 -8.15 11.26
N ARG B 218 13.49 -8.19 12.57
CA ARG B 218 14.57 -7.93 13.51
C ARG B 218 15.77 -8.83 13.21
N ASP B 219 15.52 -10.11 12.95
CA ASP B 219 16.56 -10.98 12.47
C ASP B 219 17.20 -10.39 11.23
N LEU B 220 16.38 -9.77 10.38
CA LEU B 220 16.88 -9.30 9.10
C LEU B 220 17.59 -7.94 9.15
N VAL B 221 16.81 -6.88 9.27
CA VAL B 221 17.35 -5.51 9.33
C VAL B 221 17.42 -4.95 10.73
N GLY B 222 17.12 -5.77 11.72
CA GLY B 222 17.18 -5.31 13.08
C GLY B 222 16.03 -4.42 13.50
N TYR B 223 14.95 -4.41 12.74
CA TYR B 223 13.78 -3.69 13.22
C TYR B 223 12.53 -4.27 12.64
N SER B 224 11.42 -4.12 13.33
CA SER B 224 10.14 -4.42 12.71
C SER B 224 9.18 -3.31 13.03
N ILE B 225 8.53 -2.77 12.00
CA ILE B 225 7.62 -1.66 12.23
C ILE B 225 6.33 -2.12 12.90
N GLY B 226 6.02 -3.40 12.77
CA GLY B 226 4.76 -3.88 13.31
C GLY B 226 3.62 -3.83 12.31
N THR B 227 2.60 -4.65 12.55
CA THR B 227 1.48 -4.79 11.62
C THR B 227 0.59 -3.56 11.53
N LEU B 228 0.30 -2.87 12.63
CA LEU B 228 -0.43 -1.60 12.48
C LEU B 228 0.48 -0.61 11.80
N GLY B 229 1.79 -0.78 11.96
CA GLY B 229 2.77 0.09 11.34
C GLY B 229 2.84 0.01 9.83
N ILE B 230 3.10 -1.19 9.30
CA ILE B 230 3.25 -1.39 7.86
C ILE B 230 2.02 -0.93 7.09
N HIS B 231 0.88 -0.89 7.74
CA HIS B 231 -0.32 -0.44 7.03
C HIS B 231 -0.37 1.09 6.94
N ARG B 232 -0.17 1.76 8.07
CA ARG B 232 0.16 3.17 8.06
C ARG B 232 1.30 3.45 7.08
N LEU B 233 2.32 2.60 7.04
CA LEU B 233 3.48 2.81 6.17
C LEU B 233 3.19 2.90 4.67
N GLY B 234 2.76 1.78 4.10
CA GLY B 234 2.44 1.72 2.69
C GLY B 234 1.36 2.73 2.33
N LEU B 235 0.53 3.11 3.28
CA LEU B 235 -0.49 4.07 2.94
C LEU B 235 0.17 5.45 2.85
N LEU B 236 1.13 5.69 3.72
CA LEU B 236 1.87 6.94 3.71
C LEU B 236 2.77 7.00 2.50
N LEU B 237 3.62 5.98 2.32
CA LEU B 237 4.50 5.90 1.16
C LEU B 237 3.73 6.09 -0.17
N SER B 238 2.45 5.76 -0.17
CA SER B 238 1.65 5.84 -1.36
C SER B 238 1.12 7.22 -1.56
N LEU B 239 0.36 7.72 -0.60
CA LEU B 239 -0.09 9.10 -0.68
C LEU B 239 1.10 10.08 -0.76
N SER B 240 2.20 9.80 -0.06
CA SER B 240 3.41 10.64 -0.16
C SER B 240 3.85 10.75 -1.59
N ALA B 241 4.07 9.59 -2.20
CA ALA B 241 4.44 9.48 -3.61
C ALA B 241 3.58 10.33 -4.54
N VAL B 242 2.27 10.27 -4.35
CA VAL B 242 1.37 10.95 -5.24
C VAL B 242 1.29 12.42 -4.84
N PHE B 243 1.63 12.74 -3.59
CA PHE B 243 1.60 14.13 -3.20
C PHE B 243 2.76 14.87 -3.85
N PHE B 244 3.96 14.34 -3.68
CA PHE B 244 5.13 14.94 -4.30
C PHE B 244 5.10 14.90 -5.83
N SER B 245 4.31 13.99 -6.37
CA SER B 245 4.12 13.97 -7.79
C SER B 245 3.33 15.20 -8.22
N ALA B 246 2.23 15.49 -7.54
CA ALA B 246 1.46 16.68 -7.88
C ALA B 246 2.27 17.93 -7.58
N LEU B 247 3.03 17.88 -6.48
CA LEU B 247 3.89 18.99 -6.11
C LEU B 247 4.96 19.26 -7.17
N CYS B 248 5.67 18.21 -7.59
CA CYS B 248 6.71 18.38 -8.59
C CYS B 248 6.17 19.05 -9.86
N MET B 249 4.91 18.77 -10.20
CA MET B 249 4.37 19.33 -11.42
C MET B 249 3.73 20.69 -11.27
N ILE B 250 3.38 21.06 -10.04
CA ILE B 250 2.72 22.35 -9.86
C ILE B 250 3.74 23.48 -9.80
N ILE B 251 4.94 23.18 -9.33
CA ILE B 251 6.03 24.16 -9.32
C ILE B 251 6.65 24.31 -10.71
N THR B 252 6.51 23.25 -11.51
CA THR B 252 7.05 23.25 -12.85
C THR B 252 6.18 24.10 -13.78
N GLY B 253 6.81 25.01 -14.50
CA GLY B 253 6.10 25.84 -15.46
C GLY B 253 5.56 27.10 -14.81
N THR B 254 5.41 27.05 -13.49
CA THR B 254 4.92 28.20 -12.77
C THR B 254 6.03 28.95 -12.05
N ILE B 255 6.52 28.41 -10.94
CA ILE B 255 7.60 29.10 -10.26
C ILE B 255 8.97 28.73 -10.80
N TRP B 256 9.03 27.63 -11.55
CA TRP B 256 10.26 27.28 -12.25
C TRP B 256 9.95 26.84 -13.68
N PHE B 257 10.34 27.66 -14.66
CA PHE B 257 10.19 27.30 -16.06
C PHE B 257 11.46 26.89 -16.78
N ASP B 258 12.58 26.91 -16.08
CA ASP B 258 13.85 26.69 -16.75
C ASP B 258 14.30 25.23 -16.77
N GLN B 259 15.56 25.01 -17.15
CA GLN B 259 16.15 23.68 -17.13
C GLN B 259 16.38 23.27 -15.70
N TRP B 260 15.83 22.11 -15.32
CA TRP B 260 15.83 21.68 -13.92
C TRP B 260 17.22 21.45 -13.37
N VAL B 261 18.12 20.93 -14.20
CA VAL B 261 19.48 20.64 -13.77
C VAL B 261 20.15 21.93 -13.28
N ASP B 262 19.74 23.05 -13.88
CA ASP B 262 20.31 24.33 -13.56
C ASP B 262 19.87 24.83 -12.19
N TRP B 263 18.70 24.39 -11.75
CA TRP B 263 18.22 24.71 -10.41
C TRP B 263 19.25 24.38 -9.31
N TRP B 264 20.06 23.36 -9.55
CA TRP B 264 20.93 22.80 -8.53
C TRP B 264 22.19 23.62 -8.36
N GLN B 265 22.30 24.71 -9.11
CA GLN B 265 23.43 25.62 -8.97
C GLN B 265 23.37 26.39 -7.64
N TRP B 266 22.16 26.62 -7.11
CA TRP B 266 22.02 27.33 -5.84
C TRP B 266 22.90 26.69 -4.79
N TRP B 267 22.99 25.37 -4.83
CA TRP B 267 23.82 24.62 -3.91
C TRP B 267 25.29 24.80 -4.25
N VAL B 268 25.64 24.59 -5.51
CA VAL B 268 27.02 24.65 -5.94
C VAL B 268 27.58 26.05 -5.69
N LYS B 269 26.73 27.06 -5.94
CA LYS B 269 27.14 28.46 -5.91
C LYS B 269 27.00 29.12 -4.53
N LEU B 270 26.72 28.31 -3.50
CA LEU B 270 26.84 28.75 -2.12
C LEU B 270 28.28 29.26 -1.86
N PRO B 271 28.40 30.43 -1.20
CA PRO B 271 29.63 31.21 -1.07
C PRO B 271 30.84 30.49 -0.45
N TRP B 272 30.61 29.59 0.51
CA TRP B 272 31.71 29.00 1.28
C TRP B 272 32.44 27.84 0.56
N TRP B 273 32.01 27.56 -0.67
CA TRP B 273 32.67 26.63 -1.58
C TRP B 273 32.94 27.17 -2.99
N ALA B 274 31.92 27.77 -3.58
CA ALA B 274 31.78 27.94 -5.04
C ALA B 274 33.06 28.28 -5.80
N ASN B 275 33.88 29.15 -5.25
CA ASN B 275 35.09 29.58 -5.95
C ASN B 275 36.37 28.80 -5.59
N ILE B 276 36.25 27.81 -4.72
CA ILE B 276 37.38 26.94 -4.38
C ILE B 276 37.77 26.09 -5.57
N PRO B 277 39.05 26.09 -5.94
CA PRO B 277 39.50 25.33 -7.13
C PRO B 277 39.42 23.82 -6.94
N GLY B 278 39.24 23.08 -8.04
CA GLY B 278 39.18 21.63 -7.98
C GLY B 278 37.78 21.06 -7.98
N GLY B 279 37.68 19.76 -8.24
CA GLY B 279 36.38 19.11 -8.27
C GLY B 279 35.75 19.12 -9.64
N ILE B 280 34.41 19.11 -9.66
CA ILE B 280 33.64 19.11 -10.90
C ILE B 280 33.37 20.53 -11.38
N ASN B 281 32.69 21.31 -10.53
CA ASN B 281 32.32 22.69 -10.83
C ASN B 281 33.37 23.72 -10.40
N GLY B 282 34.51 23.22 -9.94
CA GLY B 282 35.69 24.05 -9.76
C GLY B 282 36.66 23.79 -10.89
N ALA C 2 -13.46 16.07 16.70
CA ALA C 2 -12.33 15.40 16.07
C ALA C 2 -12.40 13.88 16.24
N GLU C 3 -12.79 13.16 15.18
CA GLU C 3 -12.82 11.71 15.19
C GLU C 3 -11.40 11.15 15.00
N TYR C 4 -11.06 10.13 15.78
CA TYR C 4 -9.70 9.56 15.78
C TYR C 4 -9.45 8.58 14.61
N GLN C 5 -8.46 8.89 13.76
CA GLN C 5 -8.21 8.13 12.53
C GLN C 5 -7.13 7.05 12.55
N ASN C 6 -6.44 6.89 13.67
CA ASN C 6 -5.43 5.83 13.85
C ASN C 6 -4.17 5.92 12.98
N ILE C 7 -3.83 7.13 12.55
CA ILE C 7 -2.61 7.32 11.78
C ILE C 7 -1.41 7.40 12.72
N PHE C 8 -1.62 8.03 13.88
CA PHE C 8 -0.60 8.12 14.92
C PHE C 8 -1.10 7.51 16.23
N THR C 9 -0.25 6.67 16.85
CA THR C 9 -0.55 6.04 18.14
C THR C 9 -0.96 7.12 19.15
N GLN C 10 -2.08 6.93 19.83
CA GLN C 10 -2.53 7.91 20.81
C GLN C 10 -1.81 7.77 22.15
N VAL C 11 -1.71 6.53 22.64
CA VAL C 11 -1.06 6.24 23.91
C VAL C 11 -0.13 5.06 23.75
N GLN C 12 1.17 5.26 23.88
CA GLN C 12 2.12 4.15 23.75
C GLN C 12 2.23 3.39 25.06
N VAL C 13 2.48 2.10 24.97
CA VAL C 13 2.87 1.36 26.15
C VAL C 13 4.20 0.69 25.88
N ARG C 14 5.00 0.48 26.93
CA ARG C 14 6.18 -0.34 26.76
C ARG C 14 6.23 -1.43 27.81
N GLY C 15 6.89 -2.52 27.47
CA GLY C 15 7.00 -3.68 28.33
C GLY C 15 8.34 -4.29 28.02
N PRO C 16 8.66 -5.44 28.66
CA PRO C 16 9.98 -6.08 28.56
C PRO C 16 10.42 -6.19 27.12
N ALA C 17 11.69 -5.93 26.86
CA ALA C 17 12.19 -6.00 25.50
C ALA C 17 11.88 -7.36 24.88
N ASP C 18 11.34 -7.33 23.67
CA ASP C 18 10.97 -8.57 23.01
C ASP C 18 12.16 -9.18 22.30
N LEU C 19 12.54 -10.36 22.77
CA LEU C 19 13.71 -11.06 22.28
C LEU C 19 13.33 -11.92 21.09
N GLY C 20 12.02 -12.09 20.89
CA GLY C 20 11.50 -12.78 19.73
C GLY C 20 11.48 -14.31 19.76
N MET C 21 10.73 -14.89 18.82
CA MET C 21 10.57 -16.34 18.70
C MET C 21 11.89 -17.02 18.39
N THR C 22 12.01 -18.27 18.82
CA THR C 22 13.29 -18.98 18.74
C THR C 22 13.37 -19.98 17.59
N GLU C 23 12.50 -20.99 17.63
CA GLU C 23 12.49 -22.03 16.62
C GLU C 23 13.91 -22.53 16.39
N ASP C 24 14.27 -22.73 15.13
CA ASP C 24 15.58 -23.30 14.81
C ASP C 24 16.70 -22.28 14.70
N VAL C 25 16.41 -21.01 15.01
CA VAL C 25 17.44 -19.98 14.90
C VAL C 25 18.60 -20.27 15.84
N ASN C 26 19.81 -19.93 15.41
CA ASN C 26 20.96 -19.96 16.32
C ASN C 26 21.03 -18.65 17.07
N LEU C 27 20.87 -18.69 18.39
CA LEU C 27 20.73 -17.49 19.20
C LEU C 27 22.07 -16.93 19.59
N ALA C 28 23.12 -17.64 19.19
CA ALA C 28 24.48 -17.21 19.48
C ALA C 28 24.82 -16.06 18.54
N ASN C 29 24.17 -16.05 17.39
CA ASN C 29 24.41 -15.02 16.39
C ASN C 29 23.48 -13.81 16.49
N ARG C 30 22.50 -13.85 17.38
CA ARG C 30 21.55 -12.75 17.50
C ARG C 30 21.95 -11.77 18.59
N SER C 31 21.96 -10.48 18.26
CA SER C 31 22.46 -9.45 19.15
C SER C 31 21.51 -9.22 20.31
N GLY C 32 21.81 -8.23 21.15
CA GLY C 32 20.92 -7.85 22.22
C GLY C 32 20.04 -6.70 21.77
N VAL C 33 19.01 -6.40 22.53
CA VAL C 33 18.09 -5.34 22.17
C VAL C 33 18.75 -3.96 22.18
N GLY C 34 18.43 -3.16 21.17
CA GLY C 34 18.84 -1.76 21.13
C GLY C 34 17.80 -0.94 21.86
N PRO C 35 17.87 0.39 21.73
CA PRO C 35 17.03 1.33 22.50
C PRO C 35 15.54 1.28 22.12
N PHE C 36 14.73 2.09 22.77
CA PHE C 36 13.33 2.19 22.40
C PHE C 36 13.04 3.61 21.99
N SER C 37 12.61 3.80 20.75
CA SER C 37 12.37 5.16 20.28
C SER C 37 10.95 5.54 20.51
N THR C 38 10.70 6.45 21.44
CA THR C 38 9.35 6.95 21.60
C THR C 38 8.92 7.62 20.29
N LEU C 39 9.88 8.18 19.57
CA LEU C 39 9.60 8.81 18.28
C LEU C 39 8.95 7.84 17.30
N LEU C 40 9.69 6.78 16.95
CA LEU C 40 9.17 5.69 16.13
C LEU C 40 7.81 5.22 16.65
N GLY C 41 7.69 5.15 17.98
CA GLY C 41 6.53 4.59 18.62
C GLY C 41 5.22 5.10 18.08
N TRP C 42 5.15 6.41 17.86
CA TRP C 42 3.93 7.04 17.37
C TRP C 42 3.40 6.48 16.05
N PHE C 43 4.26 5.77 15.32
CA PHE C 43 3.89 5.23 14.01
C PHE C 43 3.90 3.72 14.05
N GLY C 44 5.09 3.14 14.09
CA GLY C 44 5.25 1.73 14.28
C GLY C 44 5.66 1.34 15.68
N ASN C 45 6.45 0.28 15.78
CA ASN C 45 7.00 -0.16 17.05
C ASN C 45 8.00 0.84 17.55
N ALA C 46 8.23 0.84 18.86
CA ALA C 46 9.30 1.66 19.43
C ALA C 46 10.63 0.92 19.56
N GLN C 47 10.61 -0.41 19.43
CA GLN C 47 11.76 -1.21 19.78
C GLN C 47 12.77 -1.42 18.68
N LEU C 48 13.96 -0.87 18.85
CA LEU C 48 15.07 -1.22 17.98
C LEU C 48 15.67 -2.56 18.39
N GLY C 49 16.12 -3.32 17.39
CA GLY C 49 16.76 -4.60 17.60
C GLY C 49 15.84 -5.65 18.20
N PRO C 50 16.39 -6.81 18.55
CA PRO C 50 17.79 -7.17 18.31
C PRO C 50 17.98 -7.50 16.85
N ILE C 51 19.22 -7.53 16.36
CA ILE C 51 19.49 -7.91 14.97
C ILE C 51 20.34 -9.16 14.88
N TYR C 52 19.99 -10.09 13.98
CA TYR C 52 20.79 -11.28 13.78
C TYR C 52 21.96 -11.01 12.82
N LEU C 53 23.17 -11.36 13.25
CA LEU C 53 24.36 -11.15 12.44
C LEU C 53 25.26 -12.39 12.42
N GLY C 54 25.34 -13.07 11.29
CA GLY C 54 26.08 -14.33 11.24
C GLY C 54 27.43 -14.22 10.56
N SER C 55 27.93 -15.35 10.06
CA SER C 55 29.11 -15.35 9.22
C SER C 55 28.77 -14.62 7.91
N LEU C 56 27.56 -14.88 7.41
CA LEU C 56 27.07 -14.31 6.18
C LEU C 56 26.59 -12.88 6.41
N GLY C 57 25.99 -12.63 7.56
CA GLY C 57 25.55 -11.30 7.90
C GLY C 57 26.70 -10.32 8.00
N VAL C 58 27.88 -10.81 8.42
CA VAL C 58 29.04 -9.95 8.54
C VAL C 58 29.69 -9.77 7.18
N LEU C 59 29.63 -10.82 6.36
CA LEU C 59 30.24 -10.77 5.04
C LEU C 59 29.55 -9.66 4.27
N SER C 60 28.24 -9.80 4.13
CA SER C 60 27.37 -8.81 3.56
C SER C 60 27.72 -7.41 4.11
N LEU C 61 27.49 -7.23 5.40
CA LEU C 61 27.69 -5.92 6.04
C LEU C 61 29.08 -5.34 5.79
N PHE C 62 30.03 -6.22 5.50
CA PHE C 62 31.38 -5.77 5.19
C PHE C 62 31.45 -5.22 3.78
N SER C 63 31.21 -6.11 2.81
CA SER C 63 31.32 -5.75 1.40
C SER C 63 30.51 -4.50 1.09
N GLY C 64 29.29 -4.46 1.61
CA GLY C 64 28.38 -3.35 1.37
C GLY C 64 28.98 -2.01 1.74
N LEU C 65 29.83 -2.03 2.77
CA LEU C 65 30.59 -0.84 3.16
C LEU C 65 31.81 -0.67 2.26
N MET C 66 32.47 -1.76 1.93
CA MET C 66 33.60 -1.69 1.03
C MET C 66 33.15 -1.11 -0.29
N TRP C 67 31.94 -1.48 -0.71
CA TRP C 67 31.35 -0.92 -1.90
C TRP C 67 31.08 0.58 -1.75
N PHE C 68 30.59 0.97 -0.58
CA PHE C 68 30.26 2.37 -0.28
C PHE C 68 31.51 3.22 -0.11
N PHE C 69 32.59 2.62 0.38
CA PHE C 69 33.84 3.35 0.57
C PHE C 69 34.55 3.52 -0.75
N THR C 70 34.67 2.42 -1.48
CA THR C 70 35.39 2.39 -2.74
C THR C 70 34.93 3.51 -3.66
N ILE C 71 33.64 3.82 -3.59
CA ILE C 71 33.09 4.95 -4.31
C ILE C 71 33.53 6.30 -3.72
N GLY C 72 33.27 6.50 -2.43
CA GLY C 72 33.58 7.75 -1.76
C GLY C 72 35.06 8.09 -1.71
N ILE C 73 35.91 7.07 -1.72
CA ILE C 73 37.35 7.28 -1.82
C ILE C 73 37.59 8.04 -3.12
N TRP C 74 37.00 7.52 -4.18
CA TRP C 74 37.12 8.17 -5.48
C TRP C 74 36.43 9.54 -5.48
N PHE C 75 35.33 9.68 -4.74
CA PHE C 75 34.64 10.95 -4.64
C PHE C 75 35.46 12.01 -3.93
N TRP C 76 36.33 11.57 -3.01
CA TRP C 76 37.28 12.45 -2.37
C TRP C 76 38.37 12.82 -3.36
N TYR C 77 38.82 11.82 -4.11
CA TYR C 77 39.87 12.05 -5.10
C TYR C 77 39.47 13.19 -6.02
N GLN C 78 38.23 13.17 -6.50
CA GLN C 78 37.76 14.21 -7.39
C GLN C 78 37.66 15.55 -6.68
N ALA C 79 37.32 15.53 -5.40
CA ALA C 79 37.22 16.77 -4.62
C ALA C 79 38.60 17.39 -4.37
N GLY C 80 39.65 16.64 -4.68
CA GLY C 80 41.01 17.08 -4.39
C GLY C 80 41.28 17.03 -2.90
N TRP C 81 40.56 16.14 -2.21
CA TRP C 81 40.64 15.94 -0.76
C TRP C 81 40.21 17.16 0.07
N ASN C 82 39.43 18.05 -0.54
CA ASN C 82 38.92 19.24 0.13
C ASN C 82 37.43 19.13 0.43
N PRO C 83 37.08 18.94 1.71
CA PRO C 83 35.74 18.73 2.25
C PRO C 83 34.68 19.71 1.78
N ALA C 84 35.06 20.97 1.57
CA ALA C 84 34.12 21.96 1.06
C ALA C 84 33.67 21.64 -0.38
N VAL C 85 34.62 21.23 -1.21
CA VAL C 85 34.34 20.83 -2.58
C VAL C 85 33.59 19.51 -2.58
N PHE C 86 34.06 18.59 -1.75
CA PHE C 86 33.43 17.29 -1.57
C PHE C 86 31.93 17.42 -1.39
N LEU C 87 31.56 18.13 -0.34
CA LEU C 87 30.17 18.44 -0.07
C LEU C 87 29.47 19.11 -1.25
N ARG C 88 30.11 20.13 -1.83
CA ARG C 88 29.50 20.91 -2.92
C ARG C 88 29.24 20.05 -4.14
N ASP C 89 30.26 19.33 -4.55
CA ASP C 89 30.20 18.61 -5.80
C ASP C 89 29.64 17.19 -5.65
N LEU C 90 29.16 16.87 -4.45
CA LEU C 90 28.79 15.51 -4.04
C LEU C 90 27.90 14.75 -5.03
N PHE C 91 26.94 15.46 -5.61
CA PHE C 91 26.06 14.80 -6.56
C PHE C 91 26.69 14.66 -7.93
N PHE C 92 27.72 15.49 -8.19
CA PHE C 92 28.36 15.52 -9.51
C PHE C 92 29.49 14.52 -9.62
N PHE C 93 29.94 14.00 -8.48
CA PHE C 93 30.96 12.97 -8.50
C PHE C 93 30.41 11.71 -9.15
N SER C 94 31.30 10.93 -9.74
CA SER C 94 30.94 9.65 -10.31
C SER C 94 32.12 8.68 -10.37
N LEU C 95 31.88 7.41 -10.09
CA LEU C 95 32.84 6.38 -10.41
C LEU C 95 32.29 5.64 -11.62
N GLU C 96 33.04 5.62 -12.71
CA GLU C 96 32.49 5.20 -14.00
C GLU C 96 33.09 3.88 -14.46
N PRO C 97 32.31 3.09 -15.22
CA PRO C 97 32.75 1.78 -15.71
C PRO C 97 33.93 1.93 -16.64
N PRO C 98 34.69 0.85 -16.83
CA PRO C 98 35.85 0.94 -17.72
C PRO C 98 35.43 1.27 -19.14
N ALA C 99 36.32 1.94 -19.88
CA ALA C 99 36.09 2.33 -21.26
C ALA C 99 35.79 1.11 -22.14
N PRO C 100 35.02 1.29 -23.23
CA PRO C 100 34.59 0.15 -24.05
C PRO C 100 35.76 -0.64 -24.62
N GLU C 101 36.88 0.04 -24.85
CA GLU C 101 38.06 -0.59 -25.43
C GLU C 101 38.59 -1.71 -24.53
N TYR C 102 38.29 -1.62 -23.23
CA TYR C 102 38.68 -2.67 -22.30
C TYR C 102 37.68 -3.84 -22.33
N GLY C 103 36.59 -3.65 -23.06
CA GLY C 103 35.60 -4.70 -23.29
C GLY C 103 35.10 -5.32 -22.01
N LEU C 104 35.17 -6.64 -21.93
CA LEU C 104 34.80 -7.38 -20.73
C LEU C 104 35.96 -7.75 -19.81
N SER C 105 37.18 -7.27 -20.09
CA SER C 105 38.31 -7.66 -19.25
C SER C 105 38.37 -6.97 -17.87
N PHE C 106 39.32 -7.42 -17.06
CA PHE C 106 39.63 -6.77 -15.79
C PHE C 106 40.91 -5.94 -15.89
N ALA C 107 41.45 -5.93 -17.10
CA ALA C 107 42.72 -5.26 -17.38
C ALA C 107 42.66 -3.75 -17.11
N ALA C 108 41.47 -3.17 -17.31
CA ALA C 108 41.26 -1.73 -17.19
C ALA C 108 41.83 -1.17 -15.88
N PRO C 109 42.64 -0.10 -15.97
CA PRO C 109 43.31 0.51 -14.81
C PRO C 109 42.32 1.14 -13.85
N LEU C 110 42.77 1.41 -12.63
CA LEU C 110 41.92 1.97 -11.59
C LEU C 110 41.25 3.30 -11.93
N LYS C 111 42.02 4.26 -12.41
CA LYS C 111 41.46 5.57 -12.73
C LYS C 111 40.67 5.52 -14.03
N GLU C 112 40.83 4.43 -14.78
CA GLU C 112 40.07 4.18 -16.00
C GLU C 112 38.84 3.28 -15.79
N GLY C 113 38.55 2.99 -14.52
CA GLY C 113 37.38 2.20 -14.15
C GLY C 113 37.60 0.77 -13.65
N GLY C 114 38.84 0.39 -13.39
CA GLY C 114 39.10 -0.87 -12.72
C GLY C 114 38.69 -0.74 -11.26
N LEU C 115 38.59 0.50 -10.81
CA LEU C 115 38.14 0.83 -9.46
C LEU C 115 36.65 0.67 -9.41
N TRP C 116 36.01 0.89 -10.56
CA TRP C 116 34.59 0.59 -10.72
C TRP C 116 34.36 -0.90 -10.46
N LEU C 117 35.07 -1.74 -11.21
CA LEU C 117 34.95 -3.19 -11.07
C LEU C 117 35.12 -3.64 -9.63
N ILE C 118 36.04 -2.99 -8.93
CA ILE C 118 36.32 -3.38 -7.57
C ILE C 118 35.07 -3.19 -6.74
N ALA C 119 34.57 -1.96 -6.71
CA ALA C 119 33.34 -1.64 -5.98
C ALA C 119 32.17 -2.52 -6.44
N SER C 120 32.09 -2.75 -7.75
CA SER C 120 31.03 -3.58 -8.32
C SER C 120 31.08 -5.01 -7.80
N PHE C 121 32.29 -5.56 -7.69
CA PHE C 121 32.46 -6.88 -7.13
C PHE C 121 31.94 -6.91 -5.72
N PHE C 122 32.45 -5.96 -4.92
CA PHE C 122 32.02 -5.73 -3.54
C PHE C 122 30.51 -5.67 -3.41
N MET C 123 29.86 -4.99 -4.35
CA MET C 123 28.42 -4.93 -4.38
C MET C 123 27.83 -6.31 -4.59
N PHE C 124 28.25 -6.96 -5.67
CA PHE C 124 27.76 -8.28 -6.05
C PHE C 124 27.80 -9.25 -4.86
N VAL C 125 28.92 -9.27 -4.16
CA VAL C 125 29.08 -10.10 -2.97
C VAL C 125 28.07 -9.71 -1.91
N ALA C 126 28.01 -8.40 -1.63
CA ALA C 126 27.16 -7.88 -0.57
C ALA C 126 25.68 -8.18 -0.79
N VAL C 127 25.24 -8.15 -2.05
CA VAL C 127 23.82 -8.33 -2.35
C VAL C 127 23.35 -9.77 -2.26
N TRP C 128 24.07 -10.65 -2.93
CA TRP C 128 23.69 -12.04 -2.90
C TRP C 128 23.79 -12.55 -1.46
N SER C 129 24.85 -12.14 -0.76
CA SER C 129 25.04 -12.60 0.62
C SER C 129 23.86 -12.14 1.44
N TRP C 130 23.39 -10.93 1.14
CA TRP C 130 22.18 -10.42 1.77
C TRP C 130 20.91 -11.17 1.34
N TRP C 131 20.87 -11.66 0.09
CA TRP C 131 19.76 -12.49 -0.34
C TRP C 131 19.84 -13.81 0.40
N GLY C 132 21.06 -14.24 0.69
CA GLY C 132 21.28 -15.42 1.51
C GLY C 132 20.50 -15.29 2.79
N ARG C 133 20.60 -14.13 3.43
CA ARG C 133 19.89 -13.86 4.66
C ARG C 133 18.39 -14.00 4.52
N THR C 134 17.78 -13.38 3.50
CA THR C 134 16.32 -13.40 3.40
C THR C 134 15.73 -14.81 3.24
N TYR C 135 16.48 -15.71 2.63
CA TYR C 135 16.07 -17.10 2.64
C TYR C 135 16.33 -17.76 4.01
N LEU C 136 17.55 -17.61 4.51
CA LEU C 136 17.97 -18.29 5.74
C LEU C 136 17.21 -17.90 7.00
N ARG C 137 16.97 -16.61 7.21
CA ARG C 137 16.25 -16.14 8.38
C ARG C 137 14.84 -16.73 8.42
N ALA C 138 14.26 -16.97 7.24
CA ALA C 138 12.93 -17.57 7.13
C ALA C 138 12.97 -19.08 7.40
N GLN C 139 13.94 -19.74 6.79
CA GLN C 139 14.19 -21.17 6.99
C GLN C 139 14.31 -21.39 8.48
N ALA C 140 15.21 -20.66 9.13
CA ALA C 140 15.38 -20.76 10.58
C ALA C 140 14.07 -20.69 11.36
N LEU C 141 13.14 -19.82 10.95
CA LEU C 141 11.86 -19.73 11.64
C LEU C 141 10.80 -20.68 11.04
N GLY C 142 11.16 -21.36 9.96
CA GLY C 142 10.26 -22.29 9.31
C GLY C 142 9.10 -21.60 8.61
N MET C 143 9.37 -20.44 8.01
CA MET C 143 8.36 -19.74 7.24
C MET C 143 8.61 -19.87 5.74
N GLY C 144 7.69 -19.32 4.94
CA GLY C 144 7.77 -19.40 3.50
C GLY C 144 8.98 -18.61 3.05
N LYS C 145 9.40 -18.86 1.80
CA LYS C 145 10.54 -18.15 1.22
C LYS C 145 10.14 -16.90 0.43
N HIS C 146 8.88 -16.49 0.55
CA HIS C 146 8.33 -15.37 -0.19
C HIS C 146 9.20 -14.15 -0.20
N THR C 147 9.71 -13.74 0.94
CA THR C 147 10.66 -12.63 0.97
C THR C 147 11.89 -12.91 0.11
N ALA C 148 12.38 -14.14 0.09
CA ALA C 148 13.54 -14.45 -0.72
C ALA C 148 13.23 -14.34 -2.21
N TRP C 149 12.02 -14.75 -2.60
CA TRP C 149 11.67 -14.74 -4.02
C TRP C 149 11.37 -13.36 -4.51
N ALA C 150 10.58 -12.62 -3.73
CA ALA C 150 10.30 -11.23 -4.05
C ALA C 150 11.60 -10.42 -4.15
N PHE C 151 12.56 -10.70 -3.28
CA PHE C 151 13.83 -9.98 -3.32
C PHE C 151 14.51 -10.31 -4.61
N LEU C 152 14.45 -11.58 -4.96
CA LEU C 152 15.10 -12.06 -6.16
C LEU C 152 14.62 -11.27 -7.39
N SER C 153 13.37 -10.82 -7.34
CA SER C 153 12.76 -10.06 -8.41
C SER C 153 13.47 -8.71 -8.58
N ALA C 154 13.76 -8.04 -7.46
CA ALA C 154 14.50 -6.78 -7.51
C ALA C 154 15.95 -7.02 -7.97
N ILE C 155 16.51 -8.13 -7.52
CA ILE C 155 17.87 -8.50 -7.88
C ILE C 155 17.95 -8.68 -9.38
N TRP C 156 16.86 -9.16 -9.95
CA TRP C 156 16.74 -9.39 -11.40
C TRP C 156 17.15 -8.15 -12.20
N LEU C 157 16.38 -7.08 -12.03
CA LEU C 157 16.65 -5.82 -12.68
C LEU C 157 18.08 -5.34 -12.38
N TRP C 158 18.54 -5.54 -11.17
CA TRP C 158 19.86 -5.09 -10.77
C TRP C 158 20.95 -5.90 -11.46
N MET C 159 20.69 -7.18 -11.66
CA MET C 159 21.65 -8.03 -12.35
C MET C 159 21.65 -7.71 -13.83
N VAL C 160 20.46 -7.46 -14.36
CA VAL C 160 20.37 -7.12 -15.76
C VAL C 160 21.19 -5.87 -15.99
N LEU C 161 20.90 -4.84 -15.17
CA LEU C 161 21.48 -3.51 -15.35
C LEU C 161 23.00 -3.50 -15.44
N GLY C 162 23.68 -3.88 -14.37
CA GLY C 162 25.14 -3.79 -14.36
C GLY C 162 25.89 -5.08 -14.63
N PHE C 163 25.18 -6.19 -14.85
CA PHE C 163 25.89 -7.44 -15.02
C PHE C 163 25.49 -8.21 -16.27
N ILE C 164 24.28 -8.74 -16.29
CA ILE C 164 23.86 -9.62 -17.40
C ILE C 164 23.95 -8.92 -18.76
N ARG C 165 23.33 -7.75 -18.85
CA ARG C 165 23.34 -6.94 -20.07
C ARG C 165 24.76 -6.54 -20.53
N PRO C 166 25.58 -5.93 -19.65
CA PRO C 166 26.94 -5.58 -20.11
C PRO C 166 27.74 -6.76 -20.58
N ILE C 167 27.36 -7.96 -20.19
CA ILE C 167 28.06 -9.14 -20.67
C ILE C 167 27.59 -9.44 -22.09
N LEU C 168 26.28 -9.42 -22.29
CA LEU C 168 25.68 -9.66 -23.59
C LEU C 168 25.99 -8.57 -24.62
N MET C 169 26.41 -7.40 -24.14
CA MET C 169 26.75 -6.32 -25.04
C MET C 169 28.25 -6.29 -25.30
N GLY C 170 28.97 -7.19 -24.62
CA GLY C 170 30.40 -7.36 -24.83
C GLY C 170 31.36 -6.44 -24.08
N SER C 171 30.85 -5.49 -23.28
CA SER C 171 31.73 -4.58 -22.53
C SER C 171 31.11 -4.11 -21.21
N TRP C 172 31.96 -3.71 -20.27
CA TRP C 172 31.47 -3.19 -19.00
C TRP C 172 31.00 -1.74 -19.15
N SER C 173 31.35 -1.10 -20.27
CA SER C 173 31.09 0.32 -20.40
C SER C 173 29.58 0.57 -20.50
N GLU C 174 28.86 -0.51 -20.82
CA GLU C 174 27.40 -0.45 -20.97
C GLU C 174 26.70 -0.38 -19.63
N ALA C 175 27.46 -0.60 -18.57
CA ALA C 175 26.90 -0.66 -17.22
C ALA C 175 26.61 0.72 -16.63
N VAL C 176 26.12 0.71 -15.39
CA VAL C 176 25.72 1.94 -14.72
C VAL C 176 26.82 2.39 -13.79
N PRO C 177 27.17 3.69 -13.87
CA PRO C 177 28.13 4.39 -13.02
C PRO C 177 27.56 4.71 -11.62
N TYR C 178 28.40 4.65 -10.59
CA TYR C 178 27.95 5.02 -9.25
C TYR C 178 28.18 6.53 -9.07
N GLY C 179 27.08 7.26 -8.98
CA GLY C 179 27.08 8.68 -8.68
C GLY C 179 25.64 9.16 -8.76
N ILE C 180 25.33 10.24 -8.07
CA ILE C 180 23.93 10.59 -7.91
C ILE C 180 23.33 11.20 -9.18
N PHE C 181 24.01 12.19 -9.73
CA PHE C 181 23.54 12.80 -10.95
C PHE C 181 23.96 11.95 -12.15
N SER C 182 25.08 11.24 -12.02
CA SER C 182 25.59 10.52 -13.20
C SER C 182 24.68 9.36 -13.63
N HIS C 183 24.36 8.46 -12.72
CA HIS C 183 23.46 7.37 -13.07
C HIS C 183 22.07 7.88 -13.50
N LEU C 184 21.70 9.09 -13.05
CA LEU C 184 20.46 9.72 -13.53
C LEU C 184 20.53 10.02 -15.03
N ASP C 185 21.74 10.36 -15.46
CA ASP C 185 21.96 10.75 -16.84
C ASP C 185 21.98 9.51 -17.71
N TRP C 186 22.59 8.46 -17.17
CA TRP C 186 22.70 7.19 -17.87
C TRP C 186 21.30 6.68 -18.21
N THR C 187 20.40 6.80 -17.23
CA THR C 187 19.00 6.46 -17.41
C THR C 187 18.41 7.22 -18.59
N ASN C 188 18.55 8.54 -18.53
CA ASN C 188 18.01 9.41 -19.56
C ASN C 188 18.70 9.16 -20.90
N ASN C 189 20.02 9.03 -20.85
CA ASN C 189 20.78 8.75 -22.03
C ASN C 189 20.33 7.44 -22.67
N PHE C 190 20.11 6.41 -21.84
CA PHE C 190 19.58 5.13 -22.31
C PHE C 190 18.29 5.30 -23.14
N SER C 191 17.39 6.17 -22.69
CA SER C 191 16.15 6.43 -23.40
C SER C 191 16.42 6.90 -24.83
N LEU C 192 17.28 7.90 -24.96
CA LEU C 192 17.57 8.52 -26.25
C LEU C 192 18.19 7.51 -27.20
N VAL C 193 19.26 6.88 -26.72
CA VAL C 193 20.03 5.89 -27.46
C VAL C 193 19.16 4.78 -28.06
N HIS C 194 18.11 4.41 -27.32
CA HIS C 194 17.22 3.31 -27.71
C HIS C 194 15.89 3.70 -28.37
N GLY C 195 15.75 4.98 -28.67
CA GLY C 195 14.57 5.47 -29.35
C GLY C 195 13.38 5.68 -28.46
N ASN C 196 13.55 6.43 -27.37
CA ASN C 196 12.44 6.74 -26.45
C ASN C 196 11.86 5.55 -25.73
N HIS C 197 12.51 5.15 -24.64
CA HIS C 197 12.18 3.94 -23.89
C HIS C 197 10.67 3.77 -23.64
N PHE C 198 9.91 4.86 -23.66
CA PHE C 198 8.45 4.75 -23.57
C PHE C 198 7.85 3.79 -24.60
N TYR C 199 8.56 3.54 -25.68
CA TYR C 199 8.09 2.63 -26.73
C TYR C 199 8.42 1.15 -26.45
N ASN C 200 9.15 0.89 -25.36
CA ASN C 200 9.40 -0.47 -24.88
C ASN C 200 8.14 -0.93 -24.13
N PRO C 201 7.49 -2.00 -24.63
CA PRO C 201 6.25 -2.49 -24.02
C PRO C 201 6.43 -3.00 -22.59
N PHE C 202 7.67 -3.28 -22.18
CA PHE C 202 7.93 -3.63 -20.78
C PHE C 202 8.00 -2.43 -19.82
N LEU C 203 8.58 -1.31 -20.27
CA LEU C 203 8.50 -0.10 -19.50
C LEU C 203 7.03 0.25 -19.38
N GLY C 204 6.26 -0.08 -20.42
CA GLY C 204 4.84 0.19 -20.43
C GLY C 204 4.22 -0.49 -19.24
N LEU C 205 4.60 -1.75 -19.04
CA LEU C 205 4.06 -2.60 -17.96
C LEU C 205 4.71 -2.30 -16.60
N SER C 206 6.03 -2.14 -16.64
CA SER C 206 6.78 -1.81 -15.45
C SER C 206 6.16 -0.60 -14.82
N ILE C 207 5.84 0.40 -15.63
CA ILE C 207 5.26 1.62 -15.08
C ILE C 207 3.86 1.38 -14.56
N ALA C 208 3.11 0.52 -15.23
CA ALA C 208 1.76 0.19 -14.76
C ALA C 208 1.80 -0.46 -13.37
N PHE C 209 2.70 -1.43 -13.18
CA PHE C 209 2.82 -2.11 -11.90
C PHE C 209 3.34 -1.20 -10.77
N LEU C 210 4.30 -0.34 -11.10
CA LEU C 210 4.73 0.68 -10.19
C LEU C 210 3.55 1.55 -9.82
N TYR C 211 2.80 1.98 -10.81
CA TYR C 211 1.64 2.81 -10.54
C TYR C 211 0.65 2.00 -9.71
N GLY C 212 0.48 0.72 -10.06
CA GLY C 212 -0.48 -0.14 -9.40
C GLY C 212 -0.07 -0.50 -7.98
N SER C 213 1.22 -0.73 -7.79
CA SER C 213 1.79 -0.87 -6.46
C SER C 213 1.38 0.30 -5.58
N ALA C 214 1.63 1.51 -6.05
CA ALA C 214 1.17 2.68 -5.30
C ALA C 214 -0.36 2.76 -5.11
N LEU C 215 -1.13 2.24 -6.06
CA LEU C 215 -2.58 2.36 -5.96
C LEU C 215 -3.10 1.36 -4.94
N LEU C 216 -2.55 0.14 -5.01
CA LEU C 216 -3.03 -1.02 -4.21
C LEU C 216 -2.63 -0.94 -2.76
N PHE C 217 -1.40 -0.50 -2.51
CA PHE C 217 -0.95 -0.40 -1.15
C PHE C 217 -1.65 0.79 -0.54
N ALA C 218 -2.02 1.77 -1.36
CA ALA C 218 -2.87 2.85 -0.85
C ALA C 218 -4.25 2.31 -0.48
N MET C 219 -4.86 1.53 -1.37
CA MET C 219 -6.11 0.83 -1.07
C MET C 219 -5.98 -0.07 0.17
N HIS C 220 -5.04 -1.01 0.12
CA HIS C 220 -4.90 -1.97 1.18
C HIS C 220 -4.65 -1.35 2.55
N GLY C 221 -3.62 -0.53 2.61
CA GLY C 221 -3.27 0.20 3.80
C GLY C 221 -4.45 0.96 4.35
N ALA C 222 -5.10 1.78 3.52
CA ALA C 222 -6.27 2.56 3.94
C ALA C 222 -7.38 1.67 4.46
N THR C 223 -7.57 0.54 3.78
CA THR C 223 -8.62 -0.42 4.09
C THR C 223 -8.44 -0.99 5.48
N ILE C 224 -7.31 -1.66 5.70
CA ILE C 224 -6.96 -2.17 7.03
C ILE C 224 -7.12 -1.09 8.11
N LEU C 225 -6.69 0.13 7.81
CA LEU C 225 -6.94 1.22 8.75
C LEU C 225 -8.41 1.55 8.93
N ALA C 226 -9.25 1.21 7.95
CA ALA C 226 -10.68 1.50 8.11
C ALA C 226 -11.30 0.46 9.03
N VAL C 227 -10.90 -0.78 8.83
CA VAL C 227 -11.40 -1.91 9.62
C VAL C 227 -10.53 -2.19 10.85
N SER C 228 -9.59 -1.31 11.16
CA SER C 228 -8.75 -1.56 12.33
C SER C 228 -9.56 -1.49 13.62
N ARG C 229 -10.71 -0.83 13.58
CA ARG C 229 -11.58 -0.73 14.77
C ARG C 229 -12.21 -2.06 15.15
N PHE C 230 -12.17 -3.01 14.22
CA PHE C 230 -12.50 -4.43 14.45
C PHE C 230 -11.26 -5.28 14.53
N GLY C 231 -10.10 -4.64 14.66
CA GLY C 231 -8.85 -5.36 14.84
C GLY C 231 -8.40 -5.98 13.53
N GLY C 232 -8.54 -5.19 12.48
CA GLY C 232 -8.25 -5.63 11.14
C GLY C 232 -6.79 -5.91 10.95
N GLU C 233 -5.92 -5.19 11.65
CA GLU C 233 -4.47 -5.35 11.40
C GLU C 233 -3.92 -6.72 11.71
N ARG C 234 -4.65 -7.51 12.49
CA ARG C 234 -4.10 -8.79 12.84
C ARG C 234 -4.61 -9.66 11.74
N GLU C 235 -3.78 -9.82 10.73
CA GLU C 235 -4.26 -10.37 9.48
C GLU C 235 -4.24 -11.89 9.58
N LEU C 236 -3.15 -12.42 10.11
CA LEU C 236 -2.99 -13.85 10.23
C LEU C 236 -4.15 -14.53 11.02
N GLU C 237 -4.56 -13.97 12.15
CA GLU C 237 -5.65 -14.58 12.91
C GLU C 237 -7.02 -14.25 12.33
N GLN C 238 -7.10 -13.33 11.37
CA GLN C 238 -8.32 -13.22 10.56
C GLN C 238 -8.28 -14.22 9.40
N ILE C 239 -7.07 -14.65 9.04
CA ILE C 239 -6.90 -15.70 8.04
C ILE C 239 -7.38 -17.04 8.58
N ALA C 240 -7.04 -17.35 9.83
CA ALA C 240 -7.44 -18.60 10.44
C ALA C 240 -8.90 -18.53 10.89
N ASP C 241 -9.31 -17.39 11.43
CA ASP C 241 -10.68 -17.18 11.85
C ASP C 241 -11.19 -15.82 11.40
N ARG C 242 -12.11 -15.82 10.43
CA ARG C 242 -12.53 -14.59 9.77
C ARG C 242 -13.35 -13.68 10.67
N GLY C 243 -12.89 -12.45 10.82
CA GLY C 243 -13.56 -11.49 11.69
C GLY C 243 -14.45 -10.61 10.88
N THR C 244 -15.25 -9.77 11.55
CA THR C 244 -16.14 -8.83 10.86
C THR C 244 -15.29 -7.83 10.11
N ALA C 245 -14.07 -7.68 10.61
CA ALA C 245 -13.06 -6.89 9.94
C ALA C 245 -12.89 -7.42 8.53
N ALA C 246 -12.52 -8.70 8.38
CA ALA C 246 -12.38 -9.32 7.05
C ALA C 246 -13.62 -9.18 6.16
N GLU C 247 -14.80 -9.35 6.76
CA GLU C 247 -16.06 -9.22 6.02
C GLU C 247 -16.32 -7.79 5.57
N ARG C 248 -16.27 -6.83 6.51
CA ARG C 248 -16.45 -5.41 6.16
C ARG C 248 -15.46 -4.92 5.11
N ALA C 249 -14.21 -5.37 5.19
CA ALA C 249 -13.18 -5.13 4.15
C ALA C 249 -13.60 -5.62 2.79
N ALA C 250 -13.75 -6.94 2.65
CA ALA C 250 -14.21 -7.55 1.38
C ALA C 250 -15.45 -6.84 0.83
N LEU C 251 -16.36 -6.47 1.73
CA LEU C 251 -17.65 -5.93 1.32
C LEU C 251 -17.62 -4.49 0.86
N PHE C 252 -16.67 -3.71 1.35
CA PHE C 252 -16.52 -2.35 0.85
C PHE C 252 -16.23 -2.46 -0.63
N TRP C 253 -15.23 -3.29 -0.95
CA TRP C 253 -14.76 -3.41 -2.32
C TRP C 253 -15.71 -4.12 -3.24
N ARG C 254 -16.48 -5.06 -2.71
CA ARG C 254 -17.47 -5.76 -3.51
C ARG C 254 -18.48 -4.71 -3.93
N TRP C 255 -19.00 -3.98 -2.95
CA TRP C 255 -20.02 -2.95 -3.18
C TRP C 255 -19.53 -1.81 -4.08
N THR C 256 -18.25 -1.53 -4.04
CA THR C 256 -17.69 -0.49 -4.87
C THR C 256 -17.39 -1.01 -6.28
N MET C 257 -16.45 -1.95 -6.37
CA MET C 257 -15.97 -2.46 -7.65
C MET C 257 -16.52 -3.79 -8.17
N GLY C 258 -17.51 -4.38 -7.48
CA GLY C 258 -18.20 -5.55 -8.01
C GLY C 258 -17.51 -6.88 -7.78
N PHE C 259 -16.32 -6.82 -7.20
CA PHE C 259 -15.63 -8.01 -6.73
C PHE C 259 -14.80 -7.66 -5.49
N ASN C 260 -14.08 -8.62 -4.94
CA ASN C 260 -13.27 -8.34 -3.76
C ASN C 260 -12.21 -9.39 -3.50
N ALA C 261 -11.47 -9.18 -2.42
CA ALA C 261 -10.41 -10.10 -2.05
C ALA C 261 -10.72 -10.83 -0.75
N THR C 262 -9.76 -11.70 -0.37
CA THR C 262 -9.74 -12.36 0.91
C THR C 262 -8.52 -11.86 1.66
N MET C 263 -8.55 -11.90 2.98
CA MET C 263 -7.42 -11.46 3.82
C MET C 263 -6.07 -12.19 3.54
N GLU C 264 -6.08 -13.47 3.17
CA GLU C 264 -4.84 -14.03 2.64
C GLU C 264 -4.66 -13.63 1.19
N GLY C 265 -5.75 -13.67 0.43
CA GLY C 265 -5.70 -13.34 -0.98
C GLY C 265 -5.05 -12.01 -1.30
N ILE C 266 -5.54 -10.92 -0.66
CA ILE C 266 -5.06 -9.55 -0.91
C ILE C 266 -3.54 -9.50 -0.92
N HIS C 267 -2.90 -10.23 -0.01
CA HIS C 267 -1.45 -10.28 0.03
C HIS C 267 -0.84 -10.99 -1.19
N ARG C 268 -1.61 -11.78 -1.91
CA ARG C 268 -1.03 -12.35 -3.12
C ARG C 268 -1.05 -11.33 -4.27
N TRP C 269 -2.16 -10.59 -4.34
CA TRP C 269 -2.25 -9.38 -5.15
C TRP C 269 -1.07 -8.46 -4.80
N ALA C 270 -0.89 -8.19 -3.52
CA ALA C 270 0.23 -7.40 -3.04
C ALA C 270 1.57 -7.90 -3.59
N ILE C 271 2.01 -9.07 -3.15
CA ILE C 271 3.35 -9.52 -3.50
C ILE C 271 3.59 -9.49 -4.99
N TRP C 272 2.55 -9.69 -5.80
CA TRP C 272 2.76 -9.81 -7.24
C TRP C 272 2.87 -8.49 -7.97
N MET C 273 1.83 -7.68 -7.82
CA MET C 273 1.74 -6.34 -8.36
C MET C 273 3.07 -5.65 -8.16
N ALA C 274 3.60 -5.70 -6.94
CA ALA C 274 4.93 -5.18 -6.62
C ALA C 274 6.07 -5.87 -7.36
N VAL C 275 6.19 -7.18 -7.19
CA VAL C 275 7.23 -7.98 -7.82
C VAL C 275 7.34 -7.74 -9.33
N LEU C 276 6.18 -7.55 -9.96
CA LEU C 276 6.13 -7.46 -11.43
C LEU C 276 6.73 -6.17 -11.99
N VAL C 277 6.76 -5.11 -11.19
CA VAL C 277 7.49 -3.91 -11.53
C VAL C 277 8.90 -4.29 -11.98
N THR C 278 9.72 -4.78 -11.06
CA THR C 278 11.09 -5.12 -11.42
C THR C 278 11.18 -6.40 -12.20
N LEU C 279 10.07 -7.12 -12.30
CA LEU C 279 10.11 -8.37 -13.05
C LEU C 279 10.07 -8.08 -14.55
N THR C 280 8.97 -7.49 -14.99
CA THR C 280 8.84 -6.95 -16.34
C THR C 280 10.04 -6.06 -16.65
N GLY C 281 10.17 -4.96 -15.91
CA GLY C 281 11.17 -3.95 -16.18
C GLY C 281 12.59 -4.48 -16.34
N GLY C 282 12.86 -5.65 -15.78
CA GLY C 282 14.17 -6.26 -15.93
C GLY C 282 14.33 -6.82 -17.34
N ILE C 283 13.24 -7.36 -17.87
CA ILE C 283 13.22 -7.93 -19.22
C ILE C 283 13.38 -6.82 -20.25
N GLY C 284 12.60 -5.75 -20.05
CA GLY C 284 12.61 -4.62 -20.95
C GLY C 284 14.01 -4.12 -21.18
N ILE C 285 14.78 -4.02 -20.11
CA ILE C 285 16.15 -3.57 -20.23
C ILE C 285 16.96 -4.61 -20.98
N LEU C 286 16.91 -5.85 -20.48
CA LEU C 286 17.72 -6.94 -20.99
C LEU C 286 17.61 -7.03 -22.50
N LEU C 287 16.40 -6.88 -23.02
CA LEU C 287 16.16 -6.83 -24.45
C LEU C 287 16.73 -5.61 -25.21
N SER C 288 17.00 -4.50 -24.50
CA SER C 288 17.46 -3.27 -25.14
C SER C 288 18.95 -3.28 -25.51
N GLY C 289 19.24 -3.13 -26.80
CA GLY C 289 20.62 -3.09 -27.26
C GLY C 289 21.15 -4.48 -27.57
N THR C 290 20.53 -5.48 -26.97
CA THR C 290 20.86 -6.87 -27.27
C THR C 290 20.09 -7.36 -28.49
N VAL C 291 18.82 -6.97 -28.54
CA VAL C 291 17.89 -7.52 -29.50
C VAL C 291 17.24 -6.39 -30.24
N VAL C 292 16.55 -5.54 -29.50
CA VAL C 292 15.93 -4.36 -30.07
C VAL C 292 16.82 -3.15 -29.84
N ASP C 293 17.36 -2.57 -30.92
CA ASP C 293 18.17 -1.36 -30.80
C ASP C 293 17.29 -0.12 -30.65
N ASN C 294 16.13 -0.16 -31.27
CA ASN C 294 15.26 1.00 -31.28
C ASN C 294 13.82 0.62 -31.02
N TRP C 295 13.23 1.18 -29.96
CA TRP C 295 11.87 0.79 -29.58
C TRP C 295 10.81 1.42 -30.47
N TYR C 296 11.10 2.58 -31.02
CA TYR C 296 10.21 3.17 -32.00
C TYR C 296 10.15 2.27 -33.21
N VAL C 297 11.33 1.91 -33.69
CA VAL C 297 11.47 1.10 -34.88
C VAL C 297 10.74 -0.23 -34.69
N TRP C 298 11.07 -0.92 -33.61
CA TRP C 298 10.41 -2.16 -33.24
C TRP C 298 8.89 -1.98 -33.23
N GLY C 299 8.45 -0.87 -32.66
CA GLY C 299 7.04 -0.62 -32.45
C GLY C 299 6.26 -0.50 -33.74
N GLN C 300 6.97 -0.18 -34.81
CA GLN C 300 6.32 -0.07 -36.11
C GLN C 300 6.13 -1.45 -36.76
N ASN C 301 7.07 -2.38 -36.52
CA ASN C 301 6.97 -3.74 -37.07
C ASN C 301 6.40 -4.81 -36.17
N HIS C 302 6.14 -4.50 -34.90
CA HIS C 302 5.71 -5.53 -33.96
C HIS C 302 4.66 -5.02 -32.98
N GLY C 303 3.58 -5.80 -32.82
CA GLY C 303 2.51 -5.48 -31.90
C GLY C 303 1.96 -6.75 -31.29
N1 LDA D . -17.53 -12.62 -8.85
O1 LDA D . -17.97 -12.43 -7.69
CM1 LDA D . -16.86 -13.93 -8.90
CM2 LDA D . -18.66 -12.61 -9.78
C1 LDA D . -16.64 -11.53 -9.21
C2 LDA D . -15.50 -12.08 -10.09
C3 LDA D . -14.39 -11.06 -10.30
C4 LDA D . -14.31 -10.64 -11.77
C5 LDA D . -13.13 -9.73 -12.02
C6 LDA D . -11.83 -10.51 -11.98
C7 LDA D . -10.64 -9.67 -11.48
C8 LDA D . -10.30 -8.50 -12.39
C9 LDA D . -8.84 -8.08 -12.25
C10 LDA D . -8.66 -6.57 -12.33
C11 LDA D . -7.22 -6.15 -12.04
C12 LDA D . -6.39 -5.97 -13.31
C12 UNL E . -5.81 -22.13 -16.51
C11 UNL E . -6.85 -21.15 -17.03
C10 UNL E . -6.27 -20.17 -18.04
C9 UNL E . -7.30 -19.13 -18.56
C8 UNL E . -7.40 -17.94 -17.63
C7 UNL E . -8.08 -16.74 -18.30
C6 UNL E . -8.42 -15.64 -17.30
C5 UNL E . -8.59 -14.28 -17.99
C4 UNL E . -9.07 -13.20 -17.03
C3 UNL E . -9.02 -11.80 -17.62
C2 UNL E . -9.56 -10.76 -16.63
C1 UNL E . -9.01 -9.36 -16.86
C12 UNL F . -11.08 -22.52 -17.38
C11 UNL F . -10.88 -21.19 -18.04
C10 UNL F . -11.36 -20.04 -17.16
C9 UNL F . -11.44 -18.72 -17.91
C8 UNL F . -11.93 -17.59 -17.00
C7 UNL F . -12.25 -16.29 -17.75
C6 UNL F . -12.41 -15.12 -16.77
C5 UNL F . -12.91 -13.83 -17.42
C4 UNL F . -12.85 -12.67 -16.42
C3 UNL F . -13.67 -11.47 -16.87
C2 UNL F . -13.40 -10.24 -15.99
C1 UNL F . -14.58 -9.28 -16.00
C12 UNL G . -3.07 -13.93 -26.75
C11 UNL G . -4.17 -13.27 -25.95
C10 UNL G . -3.63 -12.69 -24.65
C9 UNL G . -4.73 -12.24 -23.70
C8 UNL G . -4.16 -11.53 -22.47
C7 UNL G . -5.24 -11.07 -21.49
C6 UNL G . -4.66 -10.32 -20.28
C5 UNL G . -5.77 -9.90 -19.32
C4 UNL G . -5.27 -9.19 -18.07
C3 UNL G . -5.21 -7.66 -18.21
C2 UNL G . -6.36 -6.97 -17.46
C1 UNL G . -6.11 -5.47 -17.38
C12 UNL H . -7.51 -1.49 -20.46
C11 UNL H . -6.08 -1.96 -20.65
C10 UNL H . -5.97 -3.50 -20.60
C9 UNL H . -4.67 -4.03 -21.22
C8 UNL H . -4.83 -5.47 -21.74
C7 UNL H . -3.83 -5.81 -22.84
C6 UNL H . -3.98 -7.21 -23.45
C5 UNL H . -2.95 -7.49 -24.55
C4 UNL H . -3.38 -8.60 -25.52
C3 UNL H . -2.30 -8.92 -26.57
C2 UNL H . -2.52 -10.29 -27.20
C1 UNL H . -1.21 -11.00 -27.49
P PO4 I . 11.80 -19.85 24.20
O1 PO4 I . 11.88 -21.26 23.67
O2 PO4 I . 11.62 -18.86 23.07
O3 PO4 I . 10.64 -19.72 25.16
O4 PO4 I . 13.08 -19.52 24.93
C1 DIO J . -34.03 -2.42 -8.43
C2 DIO J . -32.10 -2.17 -9.66
C1' DIO J . -33.80 -3.91 -8.41
C2' DIO J . -31.82 -3.64 -9.59
O1 DIO J . -32.87 -1.70 -8.61
O1' DIO J . -32.47 -4.26 -8.53
C1 EDO K . -27.56 -10.91 -10.42
O1 EDO K . -27.91 -11.74 -9.30
C2 EDO K . -26.11 -11.16 -10.81
O2 EDO K . -25.95 -12.51 -11.25
C1 EDO L . -9.66 -3.45 18.61
O1 EDO L . -9.59 -4.81 18.19
C2 EDO L . -8.29 -3.05 19.14
O2 EDO L . -7.31 -3.57 18.24
C1 EDO M . -3.18 -28.72 14.30
O1 EDO M . -1.81 -29.10 14.44
C2 EDO M . -3.73 -28.32 15.67
O2 EDO M . -2.84 -27.35 16.23
C1 EDO N . -18.01 -19.34 11.35
O1 EDO N . -17.23 -20.16 10.46
C2 EDO N . -18.37 -18.00 10.69
O2 EDO N . -18.87 -18.21 9.35
C TRS O . -12.38 20.62 26.18
C1 TRS O . -13.26 21.18 27.30
C2 TRS O . -13.17 19.65 25.29
C3 TRS O . -11.12 19.95 26.74
N TRS O . -11.97 21.75 25.36
O1 TRS O . -12.89 20.70 28.57
O2 TRS O . -14.55 19.91 25.35
O3 TRS O . -10.29 19.38 25.74
K K P . 2.35 -3.75 34.79
MG BCL Q . 18.40 5.29 -8.82
CHA BCL Q . 16.63 7.88 -7.39
CHB BCL Q . 19.96 4.85 -6.00
CHC BCL Q . 18.93 2.11 -9.73
CHD BCL Q . 16.59 5.74 -11.68
NA BCL Q . 18.05 5.96 -6.96
C1A BCL Q . 17.35 7.06 -6.57
C2A BCL Q . 17.41 7.30 -5.09
C3A BCL Q . 18.68 6.55 -4.71
C4A BCL Q . 18.95 5.73 -5.97
CMA BCL Q . 19.81 7.51 -4.42
CAA BCL Q . 16.21 6.73 -4.33
CBA BCL Q . 16.13 5.18 -4.39
CGA BCL Q . 14.89 4.59 -3.74
O1A BCL Q . 13.89 5.25 -3.49
O2A BCL Q . 14.95 3.28 -3.43
NB BCL Q . 19.25 3.73 -8.00
C1B BCL Q . 19.96 3.72 -6.80
C2B BCL Q . 20.57 2.52 -6.58
C3B BCL Q . 20.28 1.69 -7.67
C4B BCL Q . 19.47 2.46 -8.54
CMB BCL Q . 21.40 2.22 -5.36
CAB BCL Q . 20.69 0.29 -7.96
OBB BCL Q . 20.67 -0.13 -9.09
CBB BCL Q . 21.16 -0.67 -6.90
NC BCL Q . 17.99 4.17 -10.44
C1C BCL Q . 18.49 2.95 -10.69
C2C BCL Q . 18.47 2.59 -12.16
C3C BCL Q . 17.70 3.77 -12.76
C4C BCL Q . 17.38 4.64 -11.55
CMC BCL Q . 19.85 2.55 -12.81
CAC BCL Q . 16.46 3.25 -13.50
CBC BCL Q . 15.47 2.61 -12.52
ND BCL Q . 16.90 6.37 -9.40
C1D BCL Q . 16.37 6.62 -10.65
C2D BCL Q . 15.66 7.79 -10.71
C3D BCL Q . 15.68 8.36 -9.47
C4D BCL Q . 16.46 7.49 -8.72
CMD BCL Q . 14.96 8.33 -11.93
CAD BCL Q . 15.29 9.46 -8.59
OBD BCL Q . 14.61 10.43 -8.89
CBD BCL Q . 15.86 9.16 -7.22
CGD BCL Q . 16.62 10.34 -6.69
O1D BCL Q . 16.12 11.02 -5.83
O2D BCL Q . 17.84 10.64 -7.20
CED BCL Q . 18.59 11.80 -6.78
C1 BCL Q . 14.19 2.76 -2.30
C2 BCL Q . 15.24 2.28 -1.34
C3 BCL Q . 15.17 2.60 -0.08
C4 BCL Q . 14.03 3.42 0.44
C5 BCL Q . 16.23 2.13 0.86
C6 BCL Q . 17.01 3.38 1.29
C7 BCL Q . 17.46 4.29 0.13
C8 BCL Q . 18.77 5.02 0.48
C9 BCL Q . 18.75 6.47 -0.01
C10 BCL Q . 19.98 4.25 -0.09
C11 BCL Q . 20.39 4.72 -1.50
C12 BCL Q . 21.79 4.18 -1.82
C13 BCL Q . 22.81 5.29 -2.13
C14 BCL Q . 24.21 4.71 -1.87
C15 BCL Q . 22.61 6.55 -1.24
C16 BCL Q . 23.80 7.52 -1.33
C17 BCL Q . 23.48 8.87 -0.66
C18 BCL Q . 24.71 9.79 -0.61
C19 BCL Q . 24.29 11.22 -0.24
C20 BCL Q . 25.71 9.30 0.44
MG BCL R . 8.42 11.48 -14.17
CHA BCL R . 5.16 12.38 -13.46
CHB BCL R . 8.09 8.95 -12.04
CHC BCL R . 11.19 10.10 -15.44
CHD BCL R . 8.37 13.70 -16.72
NA BCL R . 6.92 10.78 -13.06
C1A BCL R . 5.73 11.36 -12.76
C2A BCL R . 5.07 10.75 -11.56
C3A BCL R . 6.27 10.10 -10.88
C4A BCL R . 7.18 9.91 -12.07
CMA BCL R . 6.94 10.99 -9.83
CAA BCL R . 4.02 9.70 -12.00
CBA BCL R . 3.08 9.29 -10.86
CGA BCL R . 1.94 10.26 -10.70
O1A BCL R . 2.08 11.40 -11.04
O2A BCL R . 0.75 9.88 -10.20
NB BCL R . 9.43 9.84 -13.83
C1B BCL R . 9.16 8.87 -12.89
C2B BCL R . 10.06 7.85 -12.90
C3B BCL R . 11.02 8.14 -13.89
C4B BCL R . 10.61 9.38 -14.44
CMB BCL R . 9.94 6.70 -11.94
CAB BCL R . 12.20 7.36 -14.31
OBB BCL R . 12.95 7.86 -15.11
CBB BCL R . 12.55 5.97 -13.85
NC BCL R . 9.39 11.63 -15.96
C1C BCL R . 10.55 11.03 -16.24
C2C BCL R . 11.13 11.48 -17.57
C3C BCL R . 10.17 12.59 -17.97
C4C BCL R . 9.22 12.66 -16.80
CMC BCL R . 12.52 12.08 -17.34
CAC BCL R . 9.39 12.32 -19.27
CBC BCL R . 10.35 11.90 -20.38
ND BCL R . 7.16 12.70 -14.97
C1D BCL R . 7.25 13.63 -15.97
C2D BCL R . 6.10 14.37 -16.14
C3D BCL R . 5.20 13.96 -15.19
C4D BCL R . 5.88 12.96 -14.49
CMD BCL R . 5.86 15.46 -17.16
CAD BCL R . 3.88 14.08 -14.57
OBD BCL R . 2.99 14.83 -14.89
CBD BCL R . 3.82 13.05 -13.45
CGD BCL R . 3.40 13.83 -12.23
O1D BCL R . 4.16 14.03 -11.29
O2D BCL R . 2.13 14.32 -12.24
CED BCL R . 1.54 14.98 -11.10
C1 BCL R . -0.45 10.67 -10.47
C2 BCL R . -1.59 9.72 -10.72
C3 BCL R . -2.73 10.07 -11.27
C4 BCL R . -3.00 11.49 -11.73
C5 BCL R . -3.77 8.99 -11.47
C6 BCL R . -5.14 9.59 -11.83
C7 BCL R . -6.27 8.59 -11.55
C8 BCL R . -7.61 9.33 -11.48
C9 BCL R . -7.83 9.89 -10.07
C10 BCL R . -8.78 8.40 -11.77
C11 BCL R . -8.54 7.52 -13.00
C12 BCL R . -9.85 6.76 -13.19
C13 BCL R . -9.79 5.90 -14.44
C14 BCL R . -10.09 6.83 -15.62
C15 BCL R . -10.89 4.84 -14.35
C16 BCL R . -10.69 3.77 -15.41
C17 BCL R . -12.06 3.17 -15.79
C18 BCL R . -12.11 1.66 -15.45
C19 BCL R . -10.74 0.99 -15.66
C20 BCL R . -12.56 1.48 -13.99
O1D BPH S . -12.30 2.25 -6.58
CGD BPH S . -11.11 2.52 -6.48
O2D BPH S . -10.03 1.71 -6.63
CED BPH S . -10.25 0.42 -7.20
CBD BPH S . -10.64 3.90 -6.23
CHA BPH S . -9.44 4.23 -7.10
C4D BPH S . -8.39 4.56 -6.33
C3D BPH S . -8.67 4.54 -4.93
CAD BPH S . -10.08 4.11 -4.81
OBD BPH S . -10.68 3.97 -3.74
C2D BPH S . -7.57 4.89 -4.23
CMD BPH S . -7.37 5.00 -2.76
C1D BPH S . -6.52 5.16 -5.23
ND BPH S . -7.11 4.94 -6.45
CHD BPH S . -5.26 5.54 -4.99
C4C BPH S . -4.27 5.79 -6.10
C3C BPH S . -2.80 5.94 -5.75
CAC BPH S . -2.57 6.80 -4.48
CBC BPH S . -3.25 8.14 -4.46
C2C BPH S . -2.27 6.53 -7.07
CMC BPH S . -0.97 5.80 -7.42
C1C BPH S . -3.37 6.15 -8.05
NC BPH S . -4.53 5.89 -7.37
CHC BPH S . -3.21 6.09 -9.39
C4B BPH S . -4.11 5.69 -10.43
C3B BPH S . -3.95 5.57 -11.81
CAB BPH S . -2.79 5.92 -12.56
CBB BPH S . -1.45 5.39 -12.18
OBB BPH S . -2.80 6.65 -13.56
C2B BPH S . -5.14 5.09 -12.38
CMB BPH S . -5.37 4.82 -13.81
C1B BPH S . -6.05 4.87 -11.37
NB BPH S . -5.40 5.24 -10.20
CHB BPH S . -7.37 4.34 -11.46
C4A BPH S . -8.30 4.16 -10.50
C3A BPH S . -9.64 3.53 -10.82
CMA BPH S . -9.45 2.03 -11.08
C2A BPH S . -10.44 3.81 -9.55
C1A BPH S . -9.31 4.20 -8.59
NA BPH S . -8.20 4.50 -9.18
CAA BPH S . -11.44 4.92 -9.79
CBA BPH S . -12.65 4.44 -10.60
CGA BPH S . -13.59 5.63 -10.80
O1A BPH S . -13.58 6.69 -10.16
O2A BPH S . -14.46 5.38 -11.83
C1 BPH S . -15.40 6.42 -12.11
C2 BPH S . -15.13 6.78 -13.52
C3 BPH S . -15.33 5.97 -14.59
C4 BPH S . -15.88 4.58 -14.49
C5 BPH S . -15.01 6.39 -16.01
C6 BPH S . -14.64 7.85 -16.32
C7 BPH S . -15.05 8.21 -17.76
C8 BPH S . -15.34 9.71 -17.98
C9 BPH S . -16.10 10.35 -16.83
C10 BPH S . -14.03 10.49 -18.06
C11 BPH S . -12.99 9.92 -19.02
C12 BPH S . -11.66 9.99 -18.32
C13 BPH S . -10.53 10.52 -19.21
C14 BPH S . -9.62 11.45 -18.38
C15 BPH S . -9.82 9.34 -19.89
C16 BPH S . -8.31 9.48 -19.81
C17 BPH S . -7.66 8.46 -20.73
C18 BPH S . -6.19 8.18 -20.40
C19 BPH S . -5.43 9.47 -20.13
C20 BPH S . -5.50 7.29 -21.44
C1 U10 T . 7.08 -5.35 7.17
C2 U10 T . 5.82 -5.95 7.26
C3 U10 T . 5.18 -6.15 8.51
C4 U10 T . 5.85 -5.76 9.69
C5 U10 T . 7.12 -5.16 9.59
C6 U10 T . 7.73 -4.96 8.34
C1M U10 T . 7.72 -5.16 5.82
C3M U10 T . 3.36 -7.62 8.39
C4M U10 T . 4.91 -6.95 11.47
C7 U10 T . 9.12 -4.33 8.30
C8 U10 T . 8.98 -2.87 7.94
C9 U10 T . 10.21 -2.13 7.71
C10 U10 T . 11.47 -2.66 8.30
C11 U10 T . 10.18 -0.88 6.88
C12 U10 T . 10.33 -1.27 5.41
C13 U10 T . 10.91 -0.11 4.62
C14 U10 T . 12.34 -0.07 4.29
C15 U10 T . 13.19 -1.30 4.41
C16 U10 T . 12.98 1.22 3.83
C17 U10 T . 11.95 2.34 3.90
C18 U10 T . 12.35 3.44 4.85
C19 U10 T . 11.32 4.27 5.47
C20 U10 T . 9.92 3.74 5.55
C21 U10 T . 11.65 5.64 6.00
C22 U10 T . 12.66 6.26 5.06
C23 U10 T . 11.97 6.67 3.79
C24 U10 T . 12.70 7.34 2.72
C25 U10 T . 14.20 7.25 2.66
C26 U10 T . 11.94 8.13 1.68
C27 U10 T . 11.95 9.62 2.05
C28 U10 T . 13.12 10.29 1.37
C29 U10 T . 13.17 11.74 1.23
C30 U10 T . 12.14 12.60 1.90
C31 U10 T . 14.27 12.39 0.40
C32 U10 T . 15.40 11.41 0.08
C33 U10 T . 16.52 12.19 -0.58
C34 U10 T . 16.84 11.96 -2.00
C35 U10 T . 16.44 10.64 -2.60
C36 U10 T . 17.58 12.99 -2.84
C37 U10 T . 17.70 14.37 -2.20
C38 U10 T . 16.52 15.26 -2.51
C39 U10 T . 16.58 16.75 -2.38
C40 U10 T . 15.38 17.60 -2.69
C41 U10 T . 17.84 17.44 -1.92
O2 U10 T . 5.42 -6.54 6.26
O3 U10 T . 3.95 -6.33 8.52
O4 U10 T . 5.30 -5.76 10.80
O5 U10 T . 7.72 -4.83 10.61
C12 UNL U . -15.53 31.29 -20.27
C11 UNL U . -14.89 30.28 -19.36
C10 UNL U . -15.09 28.84 -19.85
C9 UNL U . -14.59 27.80 -18.84
C8 UNL U . -14.68 26.36 -19.34
C7 UNL U . -14.00 25.38 -18.38
C6 UNL U . -13.85 23.97 -18.98
C5 UNL U . -12.85 23.10 -18.22
C4 UNL U . -13.16 23.07 -16.73
C3 UNL U . -12.74 21.75 -16.06
C2 UNL U . -13.34 21.69 -14.65
C1 UNL U . -13.37 20.29 -14.05
C12 UNL V . -20.70 13.91 6.67
C11 UNL V . -19.27 13.46 6.85
C10 UNL V . -18.53 13.19 5.53
C9 UNL V . -17.02 13.16 5.72
C8 UNL V . -16.21 12.91 4.44
C7 UNL V . -14.68 12.90 4.65
C6 UNL V . -13.93 11.89 3.77
C5 UNL V . -13.09 12.51 2.65
C4 UNL V . -13.49 12.02 1.25
C3 UNL V . -13.55 13.15 0.21
C2 UNL V . -13.59 12.64 -1.22
C1 UNL V . -13.76 13.75 -2.25
C10 UNL W . 0.27 20.04 -4.09
C9 UNL W . -0.98 20.36 -4.93
C8 UNL W . -1.35 21.84 -4.92
C7 UNL W . -2.56 22.09 -5.83
C6 UNL W . -2.85 23.57 -6.10
C5 UNL W . -3.42 24.30 -4.89
C4 UNL W . -3.98 25.70 -5.20
C3 UNL W . -2.91 26.74 -5.57
C2 UNL W . -2.03 27.15 -4.39
C1 UNL W . -1.02 28.23 -4.79
C12 UNL X . -8.21 9.44 7.39
C11 UNL X . -9.10 10.66 7.45
C10 UNL X . -10.56 10.33 7.15
C9 UNL X . -11.44 11.59 7.05
C8 UNL X . -11.60 12.34 8.38
C7 UNL X . -13.07 12.51 8.83
C6 UNL X . -13.72 13.74 8.22
C5 UNL X . -14.84 14.34 9.10
C4 UNL X . -15.89 13.31 9.53
C3 UNL X . -17.22 13.97 9.92
C2 UNL X . -18.28 12.94 10.29
C1 UNL X . -19.66 13.56 10.40
C1 DIO Y . -1.55 -24.13 3.86
C2 DIO Y . 0.44 -23.37 4.75
C1' DIO Y . -0.83 -25.26 3.19
C2' DIO Y . 1.19 -24.48 4.09
O1 DIO Y . -0.90 -23.64 4.97
O1' DIO Y . 0.52 -24.97 2.97
C1 DIO Z . -4.01 19.39 -32.07
C2 DIO Z . -1.79 18.61 -32.17
C1' DIO Z . -4.49 18.08 -32.64
C2' DIO Z . -2.28 17.27 -32.66
O1 DIO Z . -2.76 19.33 -31.47
O1' DIO Z . -3.51 17.34 -33.30
C1 EDO AA . -10.27 17.45 -29.28
O1 EDO AA . -11.27 18.04 -28.43
C2 EDO AA . -10.87 16.90 -30.57
O2 EDO AA . -11.70 15.76 -30.30
C TRS BA . 15.80 28.93 -5.55
C1 TRS BA . 16.93 28.25 -4.76
C2 TRS BA . 15.96 28.75 -7.06
C3 TRS BA . 14.45 28.38 -5.10
N TRS BA . 15.81 30.36 -5.26
O1 TRS BA . 16.60 28.08 -3.39
O2 TRS BA . 17.30 28.85 -7.47
O3 TRS BA . 14.52 26.97 -4.94
C1 CDL CA . 5.06 -22.78 0.60
O1 CDL CA . 5.14 -23.78 -0.37
CA2 CDL CA . 4.40 -21.55 0.00
OA2 CDL CA . 3.45 -21.74 -1.02
PA1 CDL CA . 2.45 -20.65 -1.60
OA3 CDL CA . 2.48 -19.35 -0.87
OA4 CDL CA . 1.06 -21.21 -1.56
OA5 CDL CA . 2.86 -20.39 -3.09
CA3 CDL CA . 2.39 -21.24 -4.09
CA4 CDL CA . 3.03 -21.11 -5.47
OA6 CDL CA . 2.03 -20.90 -6.44
CA5 CDL CA . 1.90 -19.63 -7.03
OA7 CDL CA . 2.32 -18.64 -6.43
C11 CDL CA . 1.08 -19.50 -8.32
C12 CDL CA . 1.76 -19.00 -9.58
C13 CDL CA . 0.87 -18.33 -10.59
C14 CDL CA . 1.27 -18.47 -12.05
C15 CDL CA . 0.33 -18.01 -13.14
C16 CDL CA . 0.22 -18.91 -14.37
C17 CDL CA . 0.38 -18.29 -15.76
C18 CDL CA . 0.60 -19.21 -16.99
C19 CDL CA . -0.57 -20.12 -17.40
C20 CDL CA . -0.99 -20.21 -18.87
C21 CDL CA . -2.45 -20.40 -19.23
C22 CDL CA . -3.18 -19.22 -19.89
C23 CDL CA . -4.03 -19.44 -21.14
C24 CDL CA . -4.39 -18.22 -21.98
CA6 CDL CA . 3.96 -22.26 -5.84
OA8 CDL CA . 4.35 -22.39 -7.19
CA7 CDL CA . 5.49 -21.75 -7.71
OA9 CDL CA . 6.60 -22.29 -7.68
C31 CDL CA . 5.37 -20.32 -8.27
C32 CDL CA . 5.83 -20.01 -9.67
C33 CDL CA . 5.87 -18.58 -10.13
C34 CDL CA . 6.53 -18.28 -11.46
C35 CDL CA . 6.88 -16.85 -11.84
C36 CDL CA . 7.19 -16.61 -13.30
C37 CDL CA . 7.68 -15.26 -13.78
C38 CDL CA . 6.96 -14.65 -14.99
C39 CDL CA . 7.51 -14.92 -16.41
C40 CDL CA . 6.78 -15.90 -17.35
C41 CDL CA . 6.80 -15.55 -18.83
C42 CDL CA . 6.64 -14.07 -19.14
C43 CDL CA . 7.26 -13.49 -20.38
CB2 CDL CA . 6.44 -22.54 1.20
OB2 CDL CA . 7.41 -23.54 1.19
PB2 CDL CA . 8.96 -23.21 1.12
OB3 CDL CA . 9.79 -24.46 1.39
OB4 CDL CA . 9.36 -22.20 2.16
OB5 CDL CA . 9.30 -22.69 -0.33
CB3 CDL CA . 8.97 -21.39 -0.76
CB4 CDL CA . 8.14 -21.18 -2.03
OB6 CDL CA . 8.98 -21.17 -3.16
CB5 CDL CA . 8.68 -21.79 -4.41
OB7 CDL CA . 7.55 -22.17 -4.65
C51 CDL CA . 9.61 -21.56 -5.59
C52 CDL CA . 9.73 -20.18 -6.16
C53 CDL CA . 11.06 -19.82 -6.85
C54 CDL CA . 11.16 -18.56 -7.65
C55 CDL CA . 12.54 -18.12 -8.09
C56 CDL CA . 13.14 -18.73 -9.35
C57 CDL CA . 14.55 -18.35 -9.74
C58 CDL CA . 15.10 -18.79 -11.09
CB6 CDL CA . 7.25 -19.93 -1.95
OB8 CDL CA . 5.99 -19.90 -2.60
CB7 CDL CA . 5.72 -19.01 -3.67
OB9 CDL CA . 6.16 -19.23 -4.79
C71 CDL CA . 4.69 -17.88 -3.53
C72 CDL CA . 4.39 -17.08 -4.79
C73 CDL CA . 4.97 -15.66 -4.93
C74 CDL CA . 6.45 -15.51 -5.25
C75 CDL CA . 6.90 -14.71 -6.45
C76 CDL CA . 8.18 -15.17 -7.13
C77 CDL CA . 8.77 -14.45 -8.31
C78 CDL CA . 10.05 -15.05 -8.93
C79 CDL CA . 11.07 -14.09 -9.57
C80 CDL CA . 12.15 -14.67 -10.52
C81 CDL CA . 12.58 -13.87 -11.77
C82 CDL CA . 12.51 -14.56 -13.15
C83 CDL CA . 11.96 -13.81 -14.36
C84 CDL CA . 11.31 -14.61 -15.44
O1D BPH DA . 12.52 -1.27 -15.28
CGD BPH DA . 13.16 -0.43 -15.88
O2D BPH DA . 13.21 -0.29 -17.24
CED BPH DA . 12.18 -0.96 -17.96
CBD BPH DA . 13.97 0.63 -15.22
CHA BPH DA . 13.08 1.83 -15.43
C4D BPH DA . 13.59 2.65 -16.34
C3D BPH DA . 14.87 2.21 -16.82
CAD BPH DA . 15.17 0.96 -16.11
OBD BPH DA . 16.17 0.27 -16.26
C2D BPH DA . 15.35 3.09 -17.72
CMD BPH DA . 16.62 3.09 -18.48
C1D BPH DA . 14.32 4.15 -17.85
ND BPH DA . 13.31 3.80 -16.98
CHD BPH DA . 14.39 5.21 -18.64
C4C BPH DA . 13.28 6.19 -18.66
C3C BPH DA . 13.38 7.31 -19.67
CAC BPH DA . 14.56 8.22 -19.36
CBC BPH DA . 14.13 9.42 -18.57
C2C BPH DA . 11.97 7.91 -19.54
CMC BPH DA . 11.19 7.63 -20.83
C1C BPH DA . 11.38 7.17 -18.36
NC BPH DA . 12.21 6.16 -17.94
CHC BPH DA . 10.19 7.51 -17.80
C4B BPH DA . 9.48 6.91 -16.70
C3B BPH DA . 8.31 7.31 -16.06
CAB BPH DA . 7.57 8.49 -16.48
CBB BPH DA . 6.30 8.95 -15.79
OBB BPH DA . 7.91 9.25 -17.40
C2B BPH DA . 8.04 6.36 -15.04
CMB BPH DA . 6.92 6.26 -14.06
C1B BPH DA . 9.04 5.44 -15.06
NB BPH DA . 9.91 5.77 -16.07
CHB BPH DA . 9.15 4.30 -14.24
C4A BPH DA . 10.03 3.30 -14.30
C3A BPH DA . 9.93 2.15 -13.34
CMA BPH DA . 8.58 1.45 -13.55
C2A BPH DA . 11.13 1.27 -13.73
C1A BPH DA . 11.76 2.11 -14.82
NA BPH DA . 11.06 3.15 -15.18
CAA BPH DA . 12.03 1.12 -12.50
CBA BPH DA . 11.35 0.27 -11.44
CGA BPH DA . 12.17 0.12 -10.18
O1A BPH DA . 11.69 0.04 -9.07
O2A BPH DA . 13.52 0.05 -10.47
C1 BPH DA . 14.41 0.50 -9.43
C2 BPH DA . 14.87 -0.70 -8.65
C3 BPH DA . 16.03 -1.40 -8.70
C4 BPH DA . 17.18 -1.13 -9.64
C5 BPH DA . 16.28 -2.59 -7.79
C6 BPH DA . 17.59 -2.68 -7.00
C7 BPH DA . 17.46 -3.80 -5.96
C8 BPH DA . 18.69 -3.99 -5.05
C9 BPH DA . 19.83 -4.68 -5.79
C10 BPH DA . 19.20 -2.67 -4.45
C11 BPH DA . 20.49 -2.73 -3.63
C12 BPH DA . 20.95 -1.39 -3.05
C13 BPH DA . 22.06 -1.50 -1.98
C14 BPH DA . 23.28 -2.23 -2.53
C15 BPH DA . 22.44 -0.13 -1.38
C16 BPH DA . 21.27 0.64 -0.75
C17 BPH DA . 21.74 1.35 0.53
C18 BPH DA . 21.09 0.86 1.84
C19 BPH DA . 21.27 -0.65 2.09
C20 BPH DA . 19.61 1.24 1.95
MG BCL EA . -1.14 7.16 -17.93
CHA BCL EA . 0.43 4.15 -18.54
CHB BCL EA . -4.03 5.55 -17.70
CHC BCL EA . -2.53 9.85 -16.45
CHD BCL EA . 1.93 8.56 -17.59
NA BCL EA . -1.63 5.22 -17.92
C1A BCL EA . -0.90 4.16 -18.33
C2A BCL EA . -1.70 2.92 -18.56
C3A BCL EA . -3.09 3.57 -18.77
C4A BCL EA . -2.92 4.90 -18.09
CMA BCL EA . -3.48 3.82 -20.22
CAA BCL EA . -1.61 1.95 -17.36
CBA BCL EA . -2.14 2.59 -16.06
CGA BCL EA . -1.78 1.96 -14.73
O1A BCL EA . -1.20 0.89 -14.68
O2A BCL EA . -2.13 2.61 -13.59
NB BCL EA . -2.90 7.59 -17.16
C1B BCL EA . -4.06 6.83 -17.21
C2B BCL EA . -5.17 7.49 -16.73
C3B BCL EA . -4.76 8.76 -16.35
C4B BCL EA . -3.38 8.81 -16.62
CMB BCL EA . -6.55 6.90 -16.63
CAB BCL EA . -5.57 9.87 -15.75
OBB BCL EA . -5.02 10.65 -15.00
CBB BCL EA . -7.04 10.12 -16.03
NC BCL EA . -0.43 8.80 -17.03
C1C BCL EA . -1.18 9.81 -16.60
C2C BCL EA . -0.35 11.00 -16.22
C3C BCL EA . 1.07 10.47 -16.33
C4C BCL EA . 0.85 9.17 -17.05
CMC BCL EA . -0.56 12.13 -17.21
CAC BCL EA . 1.67 10.27 -14.92
CBC BCL EA . 0.80 9.41 -13.98
ND BCL EA . 0.71 6.58 -17.93
C1D BCL EA . 1.91 7.25 -17.93
C2D BCL EA . 3.00 6.47 -18.31
C3D BCL EA . 2.51 5.20 -18.57
C4D BCL EA . 1.14 5.32 -18.34
CMD BCL EA . 4.43 6.93 -18.42
CAD BCL EA . 2.74 3.81 -18.99
OBD BCL EA . 3.81 3.32 -19.30
CBD BCL EA . 1.41 3.10 -18.95
CGD BCL EA . 1.10 2.60 -20.32
O1D BCL EA . 1.63 1.59 -20.72
O2D BCL EA . 0.25 3.29 -21.10
CED BCL EA . 0.54 3.41 -22.53
C1 BCL EA . -2.28 1.84 -12.36
C2 BCL EA . -3.77 1.66 -12.16
C3 BCL EA . -4.34 0.49 -12.36
C4 BCL EA . -3.52 -0.72 -12.80
C5 BCL EA . -5.82 0.36 -12.18
C6 BCL EA . -6.47 0.17 -13.56
C7 BCL EA . -6.36 1.42 -14.43
C8 BCL EA . -6.71 1.10 -15.88
C9 BCL EA . -5.58 0.29 -16.50
C10 BCL EA . -6.92 2.43 -16.64
C11 BCL EA . -7.71 2.28 -17.95
C12 BCL EA . -7.64 3.57 -18.77
C13 BCL EA . -8.43 3.43 -20.08
C14 BCL EA . -7.66 2.57 -21.08
C15 BCL EA . -8.62 4.84 -20.66
C16 BCL EA . -9.82 5.54 -20.01
C17 BCL EA . -11.04 4.67 -20.25
C18 BCL EA . -12.28 5.55 -20.38
C19 BCL EA . -13.55 4.71 -20.23
C20 BCL EA . -12.26 6.60 -19.27
O1D BPH FA . 16.13 -6.81 3.22
CGD BPH FA . 15.44 -6.37 2.31
O2D BPH FA . 14.50 -5.42 2.45
CED BPH FA . 14.48 -4.82 3.75
CBD BPH FA . 15.55 -6.86 0.91
CHA BPH FA . 15.51 -5.73 -0.09
C4D BPH FA . 14.46 -5.83 -0.92
C3D BPH FA . 13.65 -6.97 -0.62
CAD BPH FA . 14.31 -7.64 0.51
OBD BPH FA . 13.91 -8.64 1.04
C2D BPH FA . 12.61 -7.04 -1.48
CMD BPH FA . 11.49 -8.01 -1.59
C1D BPH FA . 12.75 -5.87 -2.37
ND BPH FA . 13.89 -5.21 -1.95
CHD BPH FA . 11.91 -5.53 -3.36
C4C BPH FA . 12.15 -4.32 -4.18
C3C BPH FA . 11.09 -3.91 -5.15
CAC BPH FA . 10.95 -5.00 -6.18
CBC BPH FA . 9.76 -4.72 -7.05
C2C BPH FA . 11.72 -2.66 -5.76
CMC BPH FA . 10.76 -1.48 -5.57
C1C BPH FA . 12.98 -2.50 -4.93
NC BPH FA . 13.21 -3.59 -4.15
CHC BPH FA . 13.76 -1.41 -5.01
C4B BPH FA . 14.93 -1.01 -4.30
C3B BPH FA . 15.78 0.07 -4.51
CAB BPH FA . 15.68 0.99 -5.60
CBB BPH FA . 14.37 1.61 -5.94
OBB BPH FA . 16.63 1.31 -6.32
C2B BPH FA . 16.77 0.06 -3.50
CMB BPH FA . 17.88 1.03 -3.38
C1B BPH FA . 16.52 -1.00 -2.67
NB BPH FA . 15.39 -1.64 -3.16
CHB BPH FA . 17.23 -1.42 -1.51
C4A BPH FA . 17.08 -2.56 -0.82
C3A BPH FA . 17.92 -2.88 0.40
CMA BPH FA . 17.41 -2.09 1.59
C2A BPH FA . 17.72 -4.40 0.54
C1A BPH FA . 16.44 -4.58 -0.26
NA BPH FA . 16.22 -3.59 -1.09
CAA BPH FA . 18.89 -5.17 -0.03
CBA BPH FA . 20.08 -5.20 0.94
CGA BPH FA . 21.40 -5.42 0.23
O1A BPH FA . 21.53 -6.02 -0.84
O2A BPH FA . 22.39 -4.84 0.97
C1 BPH FA . 23.74 -4.81 0.47
C2 BPH FA . 24.61 -4.87 1.69
C3 BPH FA . 24.95 -3.92 2.59
C4 BPH FA . 25.82 -4.20 3.77
C5 BPH FA . 24.54 -2.45 2.61
C6 BPH FA . 25.69 -1.42 2.67
C7 BPH FA . 25.22 -0.07 3.22
C8 BPH FA . 25.79 1.18 2.51
C9 BPH FA . 25.47 1.19 1.02
C10 BPH FA . 25.22 2.50 3.09
C11 BPH FA . 25.83 3.01 4.40
C12 BPH FA . 25.11 4.24 4.96
C13 BPH FA . 25.83 4.87 6.17
C14 BPH FA . 26.76 6.00 5.68
C15 BPH FA . 24.84 5.30 7.28
C16 BPH FA . 25.47 5.43 8.68
C17 BPH FA . 24.45 5.18 9.81
C18 BPH FA . 23.65 6.40 10.33
C19 BPH FA . 24.57 7.52 10.84
C20 BPH FA . 22.62 6.04 11.38
FE FE GA . -1.93 -6.53 5.02
C1 U10 HA . -8.62 -4.45 -0.43
C2 U10 HA . -8.40 -4.86 0.89
C3 U10 HA . -9.07 -6.01 1.38
C4 U10 HA . -9.93 -6.76 0.54
C5 U10 HA . -10.13 -6.31 -0.78
C6 U10 HA . -9.48 -5.16 -1.27
C1M U10 HA . -7.92 -3.22 -0.90
C3M U10 HA . -8.18 -6.77 3.36
C4M U10 HA . -10.67 -8.58 1.76
C7 U10 HA . -9.67 -4.76 -2.71
C8 U10 HA . -8.47 -5.20 -3.51
C9 U10 HA . -8.51 -6.29 -4.47
C10 U10 HA . -9.80 -6.96 -4.79
C11 U10 HA . -7.21 -6.72 -5.12
C12 U10 HA . -7.18 -6.49 -6.63
C13 U10 HA . -7.40 -5.04 -6.97
C14 U10 HA . -6.59 -4.25 -7.92
C15 U10 HA . -5.40 -4.87 -8.61
C16 U10 HA . -6.98 -2.80 -8.15
C17 U10 HA . -7.35 -2.57 -9.61
C18 U10 HA . -8.86 -2.52 -9.77
C19 U10 HA . -9.45 -2.78 -11.09
C20 U10 HA . -8.57 -2.91 -12.28
C21 U10 HA . -10.94 -2.94 -11.24
C22 U10 HA . -11.52 -1.66 -11.80
C23 U10 HA . -13.01 -1.58 -11.55
C24 U10 HA . -13.57 -0.35 -10.96
C25 U10 HA . -12.69 0.64 -10.24
C26 U10 HA . -15.05 -0.10 -11.04
C27 U10 HA . -15.57 -0.72 -12.32
C28 U10 HA . -17.02 -0.31 -12.38
C29 U10 HA . -17.99 -1.16 -13.09
C30 U10 HA . -17.50 -2.38 -13.85
C31 U10 HA . -19.46 -0.77 -13.02
C32 U10 HA . -19.52 0.69 -12.58
C33 U10 HA . -20.52 0.95 -11.47
C34 U10 HA . -21.25 2.22 -11.42
C35 U10 HA . -21.55 2.98 -12.69
C36 U10 HA . -21.68 2.78 -10.06
C37 U10 HA . -23.19 2.77 -9.88
C38 U10 HA . -23.78 1.48 -10.37
C39 U10 HA . -24.84 1.51 -11.38
C40 U10 HA . -24.92 0.41 -12.42
C41 U10 HA . -25.82 2.66 -11.36
O2 U10 HA . -7.42 -4.37 1.46
O3 U10 HA . -9.20 -6.12 2.63
O4 U10 HA . -10.88 -7.37 1.06
O5 U10 HA . -11.08 -6.77 -1.45
CMA SPN IA . 33.27 10.92 3.86
O1 SPN IA . 32.82 9.87 3.07
CM1 SPN IA . 34.78 8.56 2.70
CM2 SPN IA . 33.13 7.91 4.40
C1 SPN IA . 33.34 8.59 3.07
C2 SPN IA . 32.55 7.81 2.07
O2 SPN IA . 32.86 6.66 1.78
C3 SPN IA . 31.36 8.46 1.42
C4 SPN IA . 30.87 7.64 0.25
C5 SPN IA . 30.05 8.17 -0.70
CM3 SPN IA . 29.23 9.39 -0.38
C6 SPN IA . 29.57 7.20 -1.74
C7 SPN IA . 28.09 7.00 -2.00
C8 SPN IA . 27.90 6.30 -3.32
C9 SPN IA . 26.85 6.65 -4.15
CM4 SPN IA . 26.21 8.00 -3.99
C10 SPN IA . 26.03 5.54 -4.77
C11 SPN IA . 25.37 5.81 -6.09
C12 SPN IA . 25.14 4.52 -6.84
C13 SPN IA . 24.03 4.31 -7.62
CM5 SPN IA . 22.97 5.37 -7.70
C14 SPN IA . 23.70 2.93 -8.08
C15 SPN IA . 22.98 2.76 -9.39
C16 SPN IA . 23.18 1.46 -10.10
C17 SPN IA . 23.80 0.34 -9.33
C18 SPN IA . 23.99 -0.84 -10.22
CM6 SPN IA . 22.94 -1.18 -11.23
C19 SPN IA . 25.06 -1.69 -9.98
C20 SPN IA . 25.24 -2.97 -10.77
C21 SPN IA . 26.05 -3.99 -10.02
C22 SPN IA . 26.29 -5.32 -10.71
CM7 SPN IA . 25.12 -6.23 -10.64
C23 SPN IA . 27.54 -5.99 -10.18
C24 SPN IA . 28.50 -6.48 -11.23
C25 SPN IA . 29.86 -6.77 -10.63
C26 SPN IA . 30.99 -6.64 -11.41
CM8 SPN IA . 30.91 -5.92 -12.71
C27 SPN IA . 32.21 -7.45 -11.11
C28 SPN IA . 32.27 -8.86 -11.63
C29 SPN IA . 32.86 -9.92 -10.76
C30 SPN IA . 32.11 -10.93 -10.18
CM9 SPN IA . 30.67 -10.79 -9.84
CMB SPN IA . 32.80 -12.16 -9.68
N1 LDA JA . 1.38 -1.83 -22.73
O1 LDA JA . 0.52 -1.91 -23.64
CM1 LDA JA . 1.96 -3.16 -22.51
CM2 LDA JA . 2.43 -0.91 -23.18
C1 LDA JA . 0.80 -1.28 -21.50
C2 LDA JA . -0.36 -2.17 -21.05
C3 LDA JA . -1.01 -1.67 -19.77
C4 LDA JA . -1.80 -2.79 -19.09
C5 LDA JA . -2.02 -2.52 -17.60
C6 LDA JA . -2.72 -3.70 -16.92
C7 LDA JA . -2.40 -3.79 -15.42
C8 LDA JA . -2.66 -5.22 -14.91
C9 LDA JA . -2.82 -5.32 -13.39
C10 LDA JA . -2.52 -6.74 -12.90
C11 LDA JA . -2.57 -6.81 -11.37
C12 LDA JA . -1.64 -7.88 -10.79
N1 LDA KA . 1.91 13.53 18.41
O1 LDA KA . 1.48 12.46 18.89
CM1 LDA KA . 0.93 14.61 18.64
CM2 LDA KA . 3.17 13.88 19.11
C1 LDA KA . 2.15 13.38 16.98
C2 LDA KA . 3.14 12.23 16.75
C3 LDA KA . 4.45 12.67 16.09
C4 LDA KA . 4.82 11.79 14.89
C5 LDA KA . 6.20 11.14 15.01
C6 LDA KA . 6.65 10.62 13.63
C7 LDA KA . 7.35 9.26 13.67
C8 LDA KA . 8.02 8.96 12.32
C9 LDA KA . 8.46 7.51 12.17
C10 LDA KA . 8.59 7.08 10.71
C11 LDA KA . 8.82 5.56 10.57
C12 LDA KA . 9.62 5.11 9.34
N1 LDA LA . 23.75 -4.41 21.66
O1 LDA LA . 24.69 -3.59 21.59
CM1 LDA LA . 24.15 -5.67 20.99
CM2 LDA LA . 23.50 -4.73 23.07
C1 LDA LA . 22.54 -3.82 21.10
C2 LDA LA . 22.76 -3.51 19.63
C3 LDA LA . 21.47 -2.98 19.00
C4 LDA LA . 21.37 -3.23 17.50
C5 LDA LA . 19.95 -3.03 16.95
C6 LDA LA . 19.95 -2.78 15.45
C7 LDA LA . 19.02 -1.63 15.04
C8 LDA LA . 18.96 -1.50 13.51
C9 LDA LA . 17.81 -0.65 12.97
C10 LDA LA . 17.89 -0.51 11.44
C11 LDA LA . 16.56 -0.16 10.74
C12 LDA LA . 16.58 -0.44 9.24
N1 LDA MA . 44.66 -3.62 -12.52
O1 LDA MA . 44.55 -2.41 -12.82
CM1 LDA MA . 44.17 -4.48 -13.61
CM2 LDA MA . 46.10 -3.91 -12.32
C1 LDA MA . 43.96 -3.88 -11.27
C2 LDA MA . 42.45 -3.92 -11.54
C3 LDA MA . 41.66 -4.38 -10.32
C4 LDA MA . 40.52 -5.34 -10.68
C5 LDA MA . 40.40 -6.50 -9.69
C6 LDA MA . 39.17 -7.37 -9.93
C7 LDA MA . 37.98 -6.90 -9.08
C8 LDA MA . 37.49 -7.91 -8.02
C9 LDA MA . 38.58 -8.41 -7.06
C10 LDA MA . 38.48 -7.81 -5.64
C11 LDA MA . 39.05 -6.40 -5.57
C12 LDA MA . 40.19 -6.24 -4.55
N1 LDA NA . 12.46 7.58 26.03
O1 LDA NA . 11.33 7.22 26.45
CM1 LDA NA . 12.52 9.05 26.07
CM2 LDA NA . 12.65 7.17 24.62
C1 LDA NA . 13.48 7.02 26.90
C2 LDA NA . 13.63 5.53 26.57
C3 LDA NA . 15.02 5.00 26.94
C4 LDA NA . 15.68 4.21 25.81
C5 LDA NA . 15.36 2.71 25.89
C6 LDA NA . 16.44 1.93 26.65
C7 LDA NA . 16.91 0.69 25.88
C8 LDA NA . 18.10 -0.02 26.54
C9 LDA NA . 18.71 -1.10 25.65
C10 LDA NA . 20.24 -1.01 25.58
C11 LDA NA . 20.73 0.10 24.65
C12 LDA NA . 21.97 -0.35 23.87
C12 UNL OA . -8.66 -3.12 -16.69
C11 UNL OA . -10.11 -2.89 -16.34
C10 UNL OA . -10.68 -4.02 -15.48
C9 UNL OA . -12.11 -3.76 -14.93
C8 UNL OA . -12.52 -4.79 -13.87
C7 UNL OA . -13.97 -4.63 -13.38
C6 UNL OA . -14.54 -5.97 -12.86
C5 UNL OA . -16.02 -5.91 -12.41
C4 UNL OA . -16.57 -7.30 -12.08
C3 UNL OA . -18.06 -7.34 -11.74
C2 UNL OA . -18.58 -8.79 -11.71
C1 UNL OA . -20.09 -8.90 -11.67
C12 UNL PA . 24.44 -3.96 14.72
C11 UNL PA . 23.61 -2.74 14.37
C10 UNL PA . 23.28 -2.67 12.87
C9 UNL PA . 22.39 -1.47 12.54
C8 UNL PA . 22.27 -1.22 11.04
C7 UNL PA . 21.35 -2.22 10.35
C6 UNL PA . 21.94 -2.74 9.03
C5 UNL PA . 20.93 -2.70 7.87
C4 UNL PA . 21.51 -3.12 6.51
C3 UNL PA . 20.75 -2.54 5.31
C2 UNL PA . 19.23 -2.57 5.47
C1 UNL PA . 18.68 -1.17 5.67
C12 UNL QA . 25.08 -5.61 -28.82
C11 UNL QA . 25.04 -7.10 -29.08
C10 UNL QA . 23.79 -7.53 -29.84
C9 UNL QA . 23.61 -9.04 -29.89
C8 UNL QA . 23.14 -9.64 -28.56
C7 UNL QA . 22.57 -11.04 -28.75
C6 UNL QA . 22.04 -11.67 -27.46
C5 UNL QA . 21.27 -12.97 -27.73
C4 UNL QA . 20.39 -13.39 -26.56
C3 UNL QA . 19.49 -12.26 -26.07
C2 UNL QA . 18.51 -12.72 -25.00
C1 UNL QA . 17.69 -11.56 -24.47
P PO4 RA . 26.13 -18.70 10.33
O1 PO4 RA . 25.20 -19.85 10.64
O2 PO4 RA . 25.42 -17.40 10.64
O3 PO4 RA . 27.40 -18.81 11.14
O4 PO4 RA . 26.48 -18.72 8.87
P PO4 SA . -4.79 11.02 14.01
O1 PO4 SA . -4.80 9.72 13.23
O2 PO4 SA . -6.16 11.34 14.54
O3 PO4 SA . -3.83 10.89 15.18
O4 PO4 SA . -4.31 12.13 13.12
C1 DIO TA . 22.52 19.37 -2.36
C2 DIO TA . 23.50 17.98 -0.76
C1' DIO TA . 21.36 19.52 -1.44
C2' DIO TA . 22.22 17.94 0.00
O1 DIO TA . 23.31 18.26 -2.10
O1' DIO TA . 21.13 18.35 -0.75
C1 EDO UA . -18.52 6.61 10.17
O1 EDO UA . -18.06 5.43 9.49
C2 EDO UA . -17.34 7.46 10.62
O2 EDO UA . -16.29 6.60 11.11
C1 EDO VA . -10.46 4.12 13.58
O1 EDO VA . -10.34 5.27 12.75
C2 EDO VA . -10.06 2.86 12.81
O2 EDO VA . -11.17 2.31 12.09
#